data_4TW2
#
_entry.id   4TW2
#
_cell.length_a   57.796
_cell.length_b   100.317
_cell.length_c   105.173
_cell.angle_alpha   90.000
_cell.angle_beta   98.690
_cell.angle_gamma   90.000
#
_symmetry.space_group_name_H-M   'P 1 21 1'
#
loop_
_entity.id
_entity.type
_entity.pdbx_description
1 polymer 'Scavenger receptor class B member 2'
2 branched alpha-D-mannopyranose-(1-3)-[alpha-D-mannopyranose-(1-6)]beta-D-mannopyranose-(1-4)-2-acetamido-2-deoxy-beta-D-glucopyranose-(1-4)-2-acetamido-2-deoxy-beta-D-glucopyranose
3 branched 2-acetamido-2-deoxy-beta-D-glucopyranose-(1-4)-2-acetamido-2-deoxy-beta-D-glucopyranose
4 branched beta-D-mannopyranose-(1-4)-2-acetamido-2-deoxy-beta-D-glucopyranose-(1-4)-2-acetamido-2-deoxy-beta-D-glucopyranose
5 branched alpha-D-mannopyranose-(1-6)-beta-D-mannopyranose-(1-4)-2-acetamido-2-deoxy-beta-D-glucopyranose-(1-4)-2-acetamido-2-deoxy-beta-D-glucopyranose
6 branched alpha-D-mannopyranose-(1-3)-beta-D-mannopyranose-(1-4)-2-acetamido-2-deoxy-beta-D-glucopyranose-(1-4)-2-acetamido-2-deoxy-beta-D-glucopyranose
7 non-polymer 2-acetamido-2-deoxy-beta-D-glucopyranose
#
_entity_poly.entity_id   1
_entity_poly.type   'polypeptide(L)'
_entity_poly.pdbx_seq_one_letter_code
;IEKKIVLRNGTEAFDSWEKPPLPVYTQFYFFNVTNPEEILRGETPRVEEVGPYTYRELRNKANIQFGDNGTTISAVSNKA
YVFERDQSVGDPKIDLIRTLNIPVLTVIEWSQVHFLREIIEAMLKAYQQKLFVTHTVDELLWGYKDEILSLIHVFRPDIS
PYFGLFYEKNGTNDGDYVFLTGEDSYLNFTKIVEWNGKTSLDWWITDKCNMINGTDGDSFHPLITKDEVLYVFPSDFCRS
VYITFSDYESVQGLPAFRYKVPAEILANTSDNAGFCIPEGNCLGSGVLNVSICKNGAPIIMSFPHFYQADERFVSAIEGM
HPNQEDHETFVDINPLTGIILKAAKRFQINIYVKKLDDFVETGDIRTMVFPVMYLNESVHIDKETASRLKSMIN
;
_entity_poly.pdbx_strand_id   A,B
#
loop_
_chem_comp.id
_chem_comp.type
_chem_comp.name
_chem_comp.formula
BMA D-saccharide, beta linking beta-D-mannopyranose 'C6 H12 O6'
MAN D-saccharide, alpha linking alpha-D-mannopyranose 'C6 H12 O6'
NAG D-saccharide, beta linking 2-acetamido-2-deoxy-beta-D-glucopyranose 'C8 H15 N O6'
#
# COMPACT_ATOMS: atom_id res chain seq x y z
N ILE A 1 31.31 43.05 -15.83
CA ILE A 1 30.27 43.38 -16.82
C ILE A 1 30.03 42.27 -17.84
N GLU A 2 28.90 41.58 -17.73
CA GLU A 2 28.43 40.84 -18.88
C GLU A 2 26.95 40.93 -19.22
N LYS A 3 26.68 41.57 -20.34
CA LYS A 3 25.58 41.12 -21.14
C LYS A 3 26.24 40.70 -22.43
N LYS A 4 26.67 39.44 -22.47
CA LYS A 4 26.90 38.69 -23.68
C LYS A 4 25.56 38.06 -23.90
N ILE A 5 24.80 38.08 -22.80
CA ILE A 5 23.48 37.50 -22.75
C ILE A 5 22.43 38.55 -23.06
N VAL A 6 21.94 38.48 -24.29
CA VAL A 6 20.83 39.25 -24.81
C VAL A 6 20.41 38.48 -26.04
N LEU A 7 19.21 38.68 -26.54
CA LEU A 7 18.89 38.02 -27.80
C LEU A 7 19.22 38.98 -28.94
N ARG A 8 20.31 38.66 -29.62
CA ARG A 8 20.77 39.40 -30.79
C ARG A 8 21.42 38.38 -31.69
N ASN A 9 21.18 38.44 -32.99
CA ASN A 9 21.66 37.37 -33.84
C ASN A 9 23.19 37.43 -33.92
N GLY A 10 23.82 36.28 -33.75
CA GLY A 10 25.27 36.19 -33.67
C GLY A 10 25.79 36.00 -32.27
N THR A 11 25.00 36.37 -31.27
CA THR A 11 25.43 36.24 -29.87
C THR A 11 25.37 34.82 -29.32
N GLU A 12 26.09 34.63 -28.23
CA GLU A 12 25.98 33.47 -27.36
C GLU A 12 24.54 33.08 -27.04
N ALA A 13 23.81 34.00 -26.42
CA ALA A 13 22.45 33.75 -25.91
C ALA A 13 21.40 33.38 -26.96
N PHE A 14 21.44 34.05 -28.11
CA PHE A 14 20.40 33.91 -29.12
C PHE A 14 20.38 32.48 -29.67
N ASP A 15 21.55 31.97 -30.03
CA ASP A 15 21.67 30.62 -30.57
C ASP A 15 21.18 29.61 -29.55
N SER A 16 21.54 29.81 -28.28
CA SER A 16 21.10 28.93 -27.21
C SER A 16 19.60 29.06 -26.98
N TRP A 17 19.09 30.28 -27.11
CA TRP A 17 17.65 30.54 -26.97
C TRP A 17 16.84 29.92 -28.11
N GLU A 18 17.42 29.92 -29.30
CA GLU A 18 16.75 29.39 -30.50
C GLU A 18 16.80 27.87 -30.62
N LYS A 19 17.94 27.29 -30.29
CA LYS A 19 18.05 25.84 -30.25
C LYS A 19 18.81 25.43 -29.01
N PRO A 20 18.07 25.17 -27.92
CA PRO A 20 18.71 24.87 -26.63
C PRO A 20 19.60 23.64 -26.72
N PRO A 21 20.86 23.79 -26.31
CA PRO A 21 21.83 22.70 -26.37
C PRO A 21 21.56 21.65 -25.31
N LEU A 22 20.97 22.07 -24.19
CA LEU A 22 20.71 21.16 -23.10
C LEU A 22 19.39 20.42 -23.31
N PRO A 23 19.46 19.08 -23.33
CA PRO A 23 18.28 18.24 -23.52
C PRO A 23 17.38 18.30 -22.29
N VAL A 24 16.08 18.47 -22.52
CA VAL A 24 15.11 18.45 -21.44
C VAL A 24 14.35 17.14 -21.49
N TYR A 25 14.03 16.60 -20.33
CA TYR A 25 13.31 15.33 -20.26
C TYR A 25 12.02 15.50 -19.48
N THR A 26 10.93 14.96 -20.01
CA THR A 26 9.67 14.92 -19.28
C THR A 26 9.31 13.47 -18.95
N GLN A 27 9.21 13.13 -17.68
CA GLN A 27 8.82 11.78 -17.31
C GLN A 27 7.46 11.76 -16.63
N PHE A 28 6.63 10.83 -17.07
CA PHE A 28 5.25 10.74 -16.62
C PHE A 28 5.08 9.65 -15.57
N TYR A 29 4.26 9.95 -14.57
CA TYR A 29 3.92 8.97 -13.54
C TYR A 29 2.42 8.89 -13.40
N PHE A 30 1.88 7.68 -13.44
CA PHE A 30 0.43 7.48 -13.41
C PHE A 30 -0.02 6.80 -12.12
N PHE A 31 -1.27 7.03 -11.74
CA PHE A 31 -1.83 6.37 -10.59
C PHE A 31 -2.89 5.37 -11.01
N ASN A 32 -2.54 4.09 -10.89
CA ASN A 32 -3.41 3.01 -11.29
C ASN A 32 -4.45 2.77 -10.20
N VAL A 33 -5.73 2.78 -10.56
CA VAL A 33 -6.78 2.66 -9.55
C VAL A 33 -7.08 1.21 -9.25
N THR A 34 -6.84 0.81 -8.01
CA THR A 34 -6.92 -0.58 -7.61
C THR A 34 -8.28 -1.04 -7.08
N ASN A 35 -9.17 -0.10 -6.78
CA ASN A 35 -10.47 -0.46 -6.22
C ASN A 35 -11.65 0.34 -6.77
N PRO A 36 -11.92 0.24 -8.09
CA PRO A 36 -12.98 1.04 -8.71
C PRO A 36 -14.39 0.80 -8.16
N GLU A 37 -14.80 -0.46 -8.01
CA GLU A 37 -16.16 -0.75 -7.53
C GLU A 37 -16.37 -0.35 -6.08
N GLU A 38 -15.29 -0.39 -5.30
CA GLU A 38 -15.37 0.00 -3.90
C GLU A 38 -15.44 1.51 -3.76
N ILE A 39 -14.75 2.21 -4.66
CA ILE A 39 -14.84 3.66 -4.73
C ILE A 39 -16.26 4.09 -5.08
N LEU A 40 -16.83 3.43 -6.06
CA LEU A 40 -18.20 3.71 -6.50
C LEU A 40 -19.23 3.49 -5.39
N ARG A 41 -18.90 2.65 -4.42
CA ARG A 41 -19.78 2.42 -3.26
C ARG A 41 -19.41 3.32 -2.08
N GLY A 42 -18.48 4.25 -2.31
CA GLY A 42 -18.18 5.27 -1.34
C GLY A 42 -16.99 5.01 -0.43
N GLU A 43 -16.14 4.07 -0.82
CA GLU A 43 -14.96 3.79 -0.02
C GLU A 43 -13.79 4.67 -0.44
N THR A 44 -12.69 4.58 0.29
CA THR A 44 -11.51 5.39 0.02
C THR A 44 -10.73 4.82 -1.16
N PRO A 45 -10.39 5.68 -2.14
CA PRO A 45 -9.61 5.23 -3.29
C PRO A 45 -8.22 4.75 -2.92
N ARG A 46 -7.82 3.65 -3.54
CA ARG A 46 -6.47 3.13 -3.39
C ARG A 46 -5.82 3.08 -4.75
N VAL A 47 -4.68 3.76 -4.86
CA VAL A 47 -4.02 3.91 -6.14
C VAL A 47 -2.60 3.38 -6.10
N GLU A 48 -2.02 3.19 -7.28
CA GLU A 48 -0.65 2.75 -7.35
C GLU A 48 0.17 3.54 -8.33
N GLU A 49 1.36 3.93 -7.89
CA GLU A 49 2.23 4.74 -8.70
C GLU A 49 2.87 3.89 -9.78
N VAL A 50 2.81 4.38 -11.01
CA VAL A 50 3.38 3.65 -12.14
C VAL A 50 4.23 4.58 -12.98
N GLY A 51 5.49 4.19 -13.19
CA GLY A 51 6.42 4.98 -13.95
C GLY A 51 7.85 4.79 -13.47
N PRO A 52 8.80 5.59 -14.02
CA PRO A 52 8.57 6.66 -15.00
C PRO A 52 8.38 6.18 -16.43
N TYR A 53 7.73 7.02 -17.23
CA TYR A 53 7.75 6.88 -18.69
C TYR A 53 8.51 8.07 -19.23
N THR A 54 9.72 7.84 -19.72
CA THR A 54 10.64 8.94 -20.00
C THR A 54 10.61 9.35 -21.45
N TYR A 55 10.44 10.65 -21.68
CA TYR A 55 10.43 11.20 -23.02
C TYR A 55 11.47 12.31 -23.10
N ARG A 56 12.36 12.22 -24.08
CA ARG A 56 13.33 13.29 -24.29
C ARG A 56 12.73 14.35 -25.20
N GLU A 57 12.94 15.61 -24.84
CA GLU A 57 12.30 16.72 -25.55
C GLU A 57 13.16 17.32 -26.65
N LEU A 58 12.50 17.72 -27.72
CA LEU A 58 13.11 18.46 -28.80
C LEU A 58 12.62 19.89 -28.75
N ARG A 59 13.55 20.84 -28.66
CA ARG A 59 13.14 22.23 -28.53
C ARG A 59 13.81 23.14 -29.53
N ASN A 60 13.04 24.14 -29.94
CA ASN A 60 13.53 25.25 -30.75
C ASN A 60 12.43 26.27 -30.99
N LYS A 61 12.84 27.49 -31.30
CA LYS A 61 11.92 28.57 -31.61
C LYS A 61 11.68 28.70 -33.11
N ALA A 62 10.43 28.97 -33.48
CA ALA A 62 10.11 29.31 -34.86
C ALA A 62 9.39 30.64 -34.88
N ASN A 63 9.10 31.12 -36.08
CA ASN A 63 8.31 32.32 -36.29
C ASN A 63 9.03 33.53 -35.70
N ILE A 64 10.35 33.53 -35.79
CA ILE A 64 11.14 34.57 -35.14
C ILE A 64 11.15 35.85 -35.95
N GLN A 65 10.67 36.92 -35.33
CA GLN A 65 10.66 38.22 -35.96
C GLN A 65 11.08 39.24 -34.90
N PHE A 66 12.16 39.95 -35.18
CA PHE A 66 12.63 40.99 -34.28
C PHE A 66 11.69 42.18 -34.36
N GLY A 67 11.54 42.91 -33.26
CA GLY A 67 10.66 44.06 -33.23
C GLY A 67 11.13 45.14 -32.27
N ASP A 68 10.69 46.37 -32.51
CA ASP A 68 10.99 47.49 -31.61
C ASP A 68 12.48 47.66 -31.35
N ASN A 69 13.25 47.80 -32.43
CA ASN A 69 14.64 48.28 -32.33
C ASN A 69 15.61 47.21 -31.85
N GLY A 70 15.09 46.03 -31.57
CA GLY A 70 15.87 44.98 -30.95
C GLY A 70 15.67 44.95 -29.44
N THR A 71 14.64 45.62 -28.98
CA THR A 71 14.18 45.49 -27.60
C THR A 71 13.23 44.29 -27.43
N THR A 72 12.35 44.08 -28.43
CA THR A 72 11.40 42.98 -28.40
C THR A 72 11.66 41.95 -29.49
N ILE A 73 11.21 40.72 -29.26
CA ILE A 73 11.32 39.66 -30.26
C ILE A 73 10.09 38.74 -30.19
N SER A 74 9.57 38.35 -31.35
CA SER A 74 8.42 37.45 -31.39
C SER A 74 8.85 36.04 -31.76
N ALA A 75 8.31 35.05 -31.06
CA ALA A 75 8.65 33.66 -31.33
C ALA A 75 7.58 32.69 -30.82
N VAL A 76 7.64 31.46 -31.31
CA VAL A 76 6.83 30.39 -30.76
C VAL A 76 7.73 29.22 -30.40
N SER A 77 7.54 28.65 -29.21
CA SER A 77 8.38 27.53 -28.80
C SER A 77 7.73 26.21 -29.17
N ASN A 78 8.30 25.56 -30.18
CA ASN A 78 7.86 24.21 -30.55
C ASN A 78 8.53 23.17 -29.66
N LYS A 79 7.78 22.13 -29.33
CA LYS A 79 8.25 21.12 -28.41
C LYS A 79 7.74 19.75 -28.82
N ALA A 80 8.62 18.76 -28.81
CA ALA A 80 8.25 17.40 -29.21
C ALA A 80 8.85 16.37 -28.27
N TYR A 81 8.24 15.20 -28.21
CA TYR A 81 8.63 14.20 -27.24
C TYR A 81 9.03 12.88 -27.90
N VAL A 82 10.26 12.45 -27.61
CA VAL A 82 10.77 11.19 -28.15
C VAL A 82 10.91 10.19 -27.00
N PHE A 83 10.16 9.10 -27.08
CA PHE A 83 10.14 8.13 -25.99
C PHE A 83 11.46 7.38 -25.85
N GLU A 84 11.91 7.25 -24.60
CA GLU A 84 13.13 6.50 -24.29
C GLU A 84 12.75 5.24 -23.50
N ARG A 85 12.89 4.09 -24.14
CA ARG A 85 12.43 2.83 -23.54
C ARG A 85 13.29 2.33 -22.39
N ASP A 86 14.61 2.37 -22.58
CA ASP A 86 15.54 1.85 -21.56
C ASP A 86 15.53 2.70 -20.29
N GLN A 87 15.08 3.95 -20.41
CA GLN A 87 14.97 4.85 -19.27
C GLN A 87 13.55 4.89 -18.69
N SER A 88 12.68 4.02 -19.20
CA SER A 88 11.28 4.00 -18.75
C SER A 88 10.96 2.65 -18.12
N VAL A 89 9.88 2.60 -17.34
CA VAL A 89 9.55 1.39 -16.59
C VAL A 89 8.92 0.34 -17.49
N GLY A 90 8.44 0.75 -18.65
CA GLY A 90 7.80 -0.17 -19.59
C GLY A 90 7.36 0.48 -20.88
N ASP A 91 6.73 -0.30 -21.75
CA ASP A 91 6.25 0.20 -23.03
C ASP A 91 4.83 0.76 -22.87
N PRO A 92 4.68 2.08 -23.02
CA PRO A 92 3.43 2.81 -22.78
C PRO A 92 2.29 2.38 -23.69
N LYS A 93 2.62 1.76 -24.82
CA LYS A 93 1.61 1.27 -25.74
C LYS A 93 1.06 -0.08 -25.28
N ILE A 94 1.89 -0.86 -24.59
CA ILE A 94 1.43 -2.09 -23.96
C ILE A 94 0.83 -1.87 -22.56
N ASP A 95 1.46 -1.01 -21.76
CA ASP A 95 1.07 -0.83 -20.35
C ASP A 95 -0.32 -0.22 -20.18
N LEU A 96 -1.12 -0.81 -19.28
CA LEU A 96 -2.48 -0.35 -19.05
C LEU A 96 -2.60 0.38 -17.72
N ILE A 97 -3.26 1.54 -17.73
CA ILE A 97 -3.60 2.25 -16.50
C ILE A 97 -5.11 2.39 -16.39
N ARG A 98 -5.67 1.96 -15.27
CA ARG A 98 -7.09 2.19 -15.01
C ARG A 98 -7.30 3.41 -14.12
N THR A 99 -8.10 4.34 -14.61
CA THR A 99 -8.42 5.54 -13.87
C THR A 99 -9.77 6.10 -14.32
N LEU A 100 -10.07 7.31 -13.87
CA LEU A 100 -11.33 7.98 -14.16
C LEU A 100 -11.57 8.13 -15.66
N ASN A 101 -12.84 8.16 -16.05
CA ASN A 101 -13.15 8.46 -17.43
C ASN A 101 -13.30 9.98 -17.51
N ILE A 102 -12.27 10.61 -18.05
CA ILE A 102 -12.20 12.07 -18.13
C ILE A 102 -13.14 12.65 -19.19
N PRO A 103 -13.19 12.06 -20.40
CA PRO A 103 -14.16 12.58 -21.37
C PRO A 103 -15.61 12.68 -20.87
N VAL A 104 -16.12 11.66 -20.18
CA VAL A 104 -17.51 11.70 -19.75
C VAL A 104 -17.74 12.59 -18.53
N LEU A 105 -16.76 12.70 -17.64
CA LEU A 105 -16.87 13.65 -16.54
C LEU A 105 -16.82 15.06 -17.09
N THR A 106 -16.14 15.21 -18.22
CA THR A 106 -16.01 16.49 -18.89
C THR A 106 -17.33 16.92 -19.51
N VAL A 107 -17.94 16.04 -20.30
CA VAL A 107 -19.20 16.34 -20.95
C VAL A 107 -20.34 16.48 -19.94
N ILE A 108 -20.24 15.79 -18.81
CA ILE A 108 -21.20 15.96 -17.73
C ILE A 108 -21.14 17.37 -17.15
N GLU A 109 -19.94 17.81 -16.81
CA GLU A 109 -19.72 19.19 -16.39
C GLU A 109 -20.29 20.12 -17.44
N TRP A 110 -20.01 19.80 -18.69
CA TRP A 110 -20.57 20.51 -19.83
C TRP A 110 -22.07 20.48 -19.89
N SER A 111 -22.69 19.46 -19.29
CA SER A 111 -24.14 19.34 -19.32
C SER A 111 -24.82 20.19 -18.26
N GLN A 112 -24.26 20.22 -17.06
CA GLN A 112 -24.91 20.92 -15.94
C GLN A 112 -24.86 22.43 -16.10
N VAL A 113 -23.66 22.99 -16.24
CA VAL A 113 -23.50 24.29 -16.89
C VAL A 113 -23.63 23.93 -18.35
N HIS A 114 -23.91 24.88 -19.24
CA HIS A 114 -23.90 24.46 -20.62
C HIS A 114 -22.80 25.07 -21.49
N PHE A 115 -21.74 24.29 -21.69
CA PHE A 115 -20.71 24.53 -22.71
C PHE A 115 -21.27 23.85 -23.95
N LEU A 116 -21.82 22.67 -23.67
CA LEU A 116 -22.65 21.88 -24.54
C LEU A 116 -23.91 22.03 -23.74
N ARG A 117 -25.03 22.23 -24.38
CA ARG A 117 -26.22 22.44 -23.59
C ARG A 117 -26.61 21.11 -22.91
N GLU A 118 -27.47 21.15 -21.93
CA GLU A 118 -28.08 19.90 -21.55
C GLU A 118 -29.14 19.58 -22.65
N ILE A 119 -29.58 18.31 -22.82
CA ILE A 119 -30.10 17.58 -24.04
C ILE A 119 -29.51 16.36 -24.83
N ILE A 120 -28.18 16.25 -24.90
CA ILE A 120 -27.46 15.14 -25.57
C ILE A 120 -26.90 14.24 -24.46
N GLU A 121 -27.16 14.62 -23.21
CA GLU A 121 -26.96 13.70 -22.09
C GLU A 121 -27.68 12.39 -22.37
N ALA A 122 -28.75 12.49 -23.17
CA ALA A 122 -29.54 11.33 -23.53
C ALA A 122 -28.67 10.30 -24.25
N MET A 123 -27.52 10.75 -24.77
CA MET A 123 -26.48 9.84 -25.26
C MET A 123 -25.94 8.96 -24.14
N LEU A 124 -25.62 9.57 -23.02
CA LEU A 124 -25.03 8.86 -21.88
C LEU A 124 -25.98 7.78 -21.35
N LYS A 125 -27.28 8.06 -21.38
CA LYS A 125 -28.25 7.09 -20.90
C LYS A 125 -28.63 6.11 -22.01
N ALA A 126 -28.39 6.52 -23.26
CA ALA A 126 -28.52 5.60 -24.39
C ALA A 126 -27.36 4.61 -24.37
N TYR A 127 -26.16 5.14 -24.24
CA TYR A 127 -24.96 4.33 -24.16
C TYR A 127 -24.37 4.51 -22.79
N GLN A 128 -24.45 3.49 -21.94
CA GLN A 128 -24.04 3.68 -20.56
C GLN A 128 -22.54 3.52 -20.48
N GLN A 129 -21.93 4.33 -19.63
CA GLN A 129 -20.49 4.43 -19.59
C GLN A 129 -19.97 4.16 -18.20
N LYS A 130 -18.76 3.64 -18.14
CA LYS A 130 -18.16 3.34 -16.85
C LYS A 130 -17.35 4.57 -16.42
N LEU A 131 -17.40 4.89 -15.14
CA LEU A 131 -16.68 6.06 -14.64
C LEU A 131 -15.18 5.78 -14.62
N PHE A 132 -14.81 4.53 -14.37
CA PHE A 132 -13.42 4.14 -14.42
C PHE A 132 -13.16 3.34 -15.68
N VAL A 133 -12.13 3.72 -16.41
CA VAL A 133 -11.83 3.09 -17.69
C VAL A 133 -10.38 2.64 -17.73
N THR A 134 -10.06 1.77 -18.68
CA THR A 134 -8.70 1.26 -18.80
C THR A 134 -8.17 1.50 -20.21
N HIS A 135 -7.07 2.25 -20.28
CA HIS A 135 -6.41 2.52 -21.55
C HIS A 135 -4.90 2.44 -21.36
N THR A 136 -4.18 2.43 -22.47
CA THR A 136 -2.73 2.41 -22.40
C THR A 136 -2.21 3.80 -22.03
N VAL A 137 -1.00 3.84 -21.49
CA VAL A 137 -0.34 5.09 -21.16
C VAL A 137 -0.25 5.98 -22.40
N ASP A 138 0.02 5.35 -23.54
CA ASP A 138 0.13 6.05 -24.81
C ASP A 138 -1.22 6.65 -25.21
N GLU A 139 -2.28 5.88 -25.02
CA GLU A 139 -3.63 6.35 -25.30
C GLU A 139 -4.02 7.52 -24.39
N LEU A 140 -3.66 7.40 -23.12
CA LEU A 140 -3.98 8.43 -22.13
C LEU A 140 -3.22 9.74 -22.37
N LEU A 141 -1.97 9.63 -22.76
CA LEU A 141 -1.14 10.80 -23.02
C LEU A 141 -1.47 11.45 -24.35
N TRP A 142 -1.25 10.70 -25.43
CA TRP A 142 -1.30 11.25 -26.78
C TRP A 142 -2.64 11.09 -27.46
N GLY A 143 -3.60 10.52 -26.75
CA GLY A 143 -4.99 10.53 -27.19
C GLY A 143 -5.56 9.21 -27.66
N TYR A 144 -6.89 9.11 -27.59
CA TYR A 144 -7.63 7.95 -28.07
C TYR A 144 -9.02 8.44 -28.45
N LYS A 145 -9.76 7.66 -29.25
CA LYS A 145 -11.08 8.09 -29.67
C LYS A 145 -12.14 7.56 -28.71
N ASP A 146 -13.05 8.46 -28.34
CA ASP A 146 -14.05 8.20 -27.30
C ASP A 146 -15.44 7.99 -27.89
N GLU A 147 -16.18 7.04 -27.32
CA GLU A 147 -17.56 6.78 -27.70
C GLU A 147 -18.41 8.05 -27.72
N ILE A 148 -18.59 8.65 -26.54
CA ILE A 148 -19.48 9.79 -26.39
C ILE A 148 -19.00 11.03 -27.13
N LEU A 149 -17.69 11.26 -27.17
CA LEU A 149 -17.14 12.38 -27.90
C LEU A 149 -17.42 12.24 -29.40
N SER A 150 -17.30 11.00 -29.87
CA SER A 150 -17.54 10.68 -31.27
C SER A 150 -18.96 10.96 -31.70
N LEU A 151 -19.91 10.64 -30.81
CA LEU A 151 -21.32 10.86 -31.07
C LEU A 151 -21.62 12.34 -31.14
N ILE A 152 -20.96 13.11 -30.29
CA ILE A 152 -21.15 14.56 -30.26
C ILE A 152 -20.54 15.20 -31.50
N HIS A 153 -19.37 14.69 -31.90
CA HIS A 153 -18.66 15.19 -33.08
C HIS A 153 -19.56 15.20 -34.30
N VAL A 154 -20.47 14.23 -34.37
CA VAL A 154 -21.45 14.17 -35.44
C VAL A 154 -22.26 15.46 -35.49
N PHE A 155 -22.79 15.88 -34.34
CA PHE A 155 -23.60 17.10 -34.29
C PHE A 155 -22.73 18.35 -34.19
N ARG A 156 -21.62 18.25 -33.47
CA ARG A 156 -20.76 19.41 -33.25
C ARG A 156 -19.32 19.10 -33.64
N PRO A 157 -18.99 19.30 -34.92
CA PRO A 157 -17.66 19.07 -35.47
C PRO A 157 -16.60 19.91 -34.76
N ASP A 158 -17.02 21.03 -34.18
CA ASP A 158 -16.10 21.89 -33.43
C ASP A 158 -15.53 21.14 -32.22
N ILE A 159 -16.25 20.13 -31.77
CA ILE A 159 -15.82 19.31 -30.64
C ILE A 159 -15.20 18.00 -31.12
N SER A 160 -13.98 17.74 -30.67
CA SER A 160 -13.20 16.59 -31.14
C SER A 160 -13.67 15.28 -30.52
N PRO A 161 -13.68 14.20 -31.34
CA PRO A 161 -13.96 12.85 -30.88
C PRO A 161 -12.83 12.28 -30.04
N TYR A 162 -11.65 12.88 -30.17
CA TYR A 162 -10.46 12.39 -29.48
C TYR A 162 -10.20 13.13 -28.17
N PHE A 163 -9.70 12.39 -27.19
CA PHE A 163 -9.21 13.00 -25.97
C PHE A 163 -7.88 12.39 -25.57
N GLY A 164 -6.97 13.24 -25.09
CA GLY A 164 -5.74 12.80 -24.49
C GLY A 164 -5.25 13.94 -23.63
N LEU A 165 -4.49 13.63 -22.58
CA LEU A 165 -3.99 14.66 -21.69
C LEU A 165 -3.08 15.61 -22.44
N PHE A 166 -2.17 15.04 -23.21
CA PHE A 166 -1.26 15.78 -24.07
C PHE A 166 -1.68 15.81 -25.54
N TYR A 167 -2.91 15.42 -25.83
CA TYR A 167 -3.37 15.25 -27.20
C TYR A 167 -3.04 16.43 -28.12
N GLU A 168 -2.43 16.11 -29.25
CA GLU A 168 -1.94 17.06 -30.23
C GLU A 168 -0.97 18.11 -29.66
N LYS A 169 -0.22 17.73 -28.62
CA LYS A 169 0.86 18.58 -28.11
C LYS A 169 2.23 18.26 -28.70
N ASN A 170 2.35 17.15 -29.42
CA ASN A 170 3.64 16.77 -29.98
C ASN A 170 3.97 17.56 -31.24
N GLY A 171 5.10 18.26 -31.22
CA GLY A 171 5.54 19.02 -32.36
C GLY A 171 4.76 20.31 -32.59
N THR A 172 4.18 20.84 -31.52
CA THR A 172 3.42 22.09 -31.60
C THR A 172 3.91 23.08 -30.54
N ASN A 173 3.31 24.27 -30.52
CA ASN A 173 3.66 25.25 -29.51
C ASN A 173 2.48 25.63 -28.59
N ASP A 174 2.76 26.44 -27.58
CA ASP A 174 1.74 26.88 -26.63
C ASP A 174 1.14 28.22 -27.04
N GLY A 175 1.47 28.64 -28.26
CA GLY A 175 0.91 29.86 -28.81
C GLY A 175 1.91 30.99 -28.97
N ASP A 176 1.42 32.11 -29.50
CA ASP A 176 2.28 33.21 -29.91
C ASP A 176 2.85 34.00 -28.75
N TYR A 177 4.17 34.06 -28.70
CA TYR A 177 4.87 34.90 -27.74
C TYR A 177 5.62 36.02 -28.43
N VAL A 178 5.73 37.14 -27.73
CA VAL A 178 6.72 38.15 -28.06
C VAL A 178 7.53 38.37 -26.78
N PHE A 179 8.82 38.10 -26.87
CA PHE A 179 9.69 38.16 -25.72
C PHE A 179 10.43 39.47 -25.69
N LEU A 180 10.70 39.95 -24.48
CA LEU A 180 11.45 41.17 -24.31
C LEU A 180 12.91 40.80 -24.14
N THR A 181 13.74 41.11 -25.13
CA THR A 181 15.15 40.79 -24.98
C THR A 181 15.84 41.87 -24.15
N GLY A 182 17.11 41.64 -23.86
CA GLY A 182 17.80 42.38 -22.81
C GLY A 182 18.46 43.73 -23.01
N GLU A 183 18.23 44.40 -24.14
CA GLU A 183 19.09 45.56 -24.43
C GLU A 183 18.56 46.91 -23.93
N ASP A 184 17.32 46.95 -23.45
CA ASP A 184 16.90 48.10 -22.67
C ASP A 184 17.44 47.96 -21.23
N SER A 185 17.35 46.75 -20.68
CA SER A 185 17.99 46.43 -19.41
C SER A 185 18.27 44.94 -19.35
N TYR A 186 19.36 44.55 -18.68
CA TYR A 186 19.70 43.13 -18.58
C TYR A 186 18.66 42.41 -17.75
N LEU A 187 18.01 43.17 -16.87
CA LEU A 187 16.98 42.67 -15.97
C LEU A 187 15.81 42.07 -16.74
N ASN A 188 15.45 42.73 -17.83
CA ASN A 188 14.25 42.39 -18.57
C ASN A 188 14.51 41.41 -19.72
N PHE A 189 15.71 40.83 -19.70
CA PHE A 189 16.09 39.74 -20.61
C PHE A 189 15.07 38.59 -20.58
N THR A 190 14.72 38.11 -21.78
CA THR A 190 13.76 37.03 -22.04
C THR A 190 12.48 37.13 -21.20
N LYS A 191 12.09 38.35 -20.88
CA LYS A 191 10.86 38.59 -20.14
C LYS A 191 9.69 38.57 -21.13
N ILE A 192 8.52 38.14 -20.68
CA ILE A 192 7.37 38.02 -21.58
C ILE A 192 6.49 39.26 -21.57
N VAL A 193 6.44 39.97 -22.69
CA VAL A 193 5.54 41.11 -22.82
C VAL A 193 4.15 40.79 -23.36
N GLU A 194 3.97 39.66 -24.04
CA GLU A 194 2.63 39.21 -24.43
C GLU A 194 2.51 37.71 -24.74
N TRP A 195 1.26 37.26 -24.77
CA TRP A 195 0.91 35.87 -25.06
C TRP A 195 -0.37 35.88 -25.90
N ASN A 196 -0.31 35.32 -27.11
CA ASN A 196 -1.43 35.39 -28.04
C ASN A 196 -1.95 36.82 -28.24
N GLY A 197 -1.03 37.78 -28.29
CA GLY A 197 -1.42 39.15 -28.59
C GLY A 197 -2.16 39.83 -27.46
N LYS A 198 -2.15 39.23 -26.27
CA LYS A 198 -2.66 39.95 -25.11
C LYS A 198 -1.67 39.97 -23.94
N THR A 199 -1.65 41.11 -23.25
CA THR A 199 -0.68 41.39 -22.20
C THR A 199 -1.10 40.85 -20.83
N SER A 200 -2.33 40.36 -20.72
CA SER A 200 -2.84 39.84 -19.45
C SER A 200 -3.78 38.68 -19.72
N LEU A 201 -4.34 38.08 -18.68
CA LEU A 201 -5.24 36.96 -18.92
C LEU A 201 -6.72 37.33 -18.82
N ASP A 202 -7.56 36.42 -19.29
CA ASP A 202 -9.02 36.52 -19.19
C ASP A 202 -9.57 35.97 -17.88
N TRP A 203 -8.97 34.87 -17.48
CA TRP A 203 -9.59 33.88 -16.61
C TRP A 203 -9.89 34.29 -15.17
N TRP A 204 -8.91 34.85 -14.49
CA TRP A 204 -9.00 35.05 -13.06
C TRP A 204 -9.76 36.30 -12.61
N ILE A 205 -10.31 36.24 -11.41
CA ILE A 205 -11.14 37.31 -10.87
C ILE A 205 -10.36 38.60 -10.70
N THR A 206 -9.26 38.57 -9.94
CA THR A 206 -8.51 39.80 -9.76
C THR A 206 -7.68 40.19 -11.00
N ASP A 207 -7.54 41.49 -11.17
CA ASP A 207 -6.54 42.11 -12.03
C ASP A 207 -5.18 41.43 -11.92
N LYS A 208 -4.78 41.29 -10.66
CA LYS A 208 -3.46 40.88 -10.25
C LYS A 208 -3.18 39.40 -10.58
N CYS A 209 -4.19 38.56 -10.38
CA CYS A 209 -4.06 37.14 -10.68
C CYS A 209 -3.96 36.91 -12.19
N ASN A 210 -4.51 37.85 -12.97
CA ASN A 210 -4.47 37.75 -14.42
C ASN A 210 -3.16 38.28 -15.00
N MET A 211 -2.29 38.79 -14.14
CA MET A 211 -1.03 39.35 -14.64
C MET A 211 -0.12 38.25 -15.15
N ILE A 212 0.67 38.59 -16.17
CA ILE A 212 1.69 37.68 -16.68
C ILE A 212 3.06 38.23 -16.30
N ASN A 213 3.70 37.60 -15.33
CA ASN A 213 5.00 38.06 -14.87
C ASN A 213 6.10 37.05 -15.19
N GLY A 214 7.30 37.56 -15.49
CA GLY A 214 8.46 36.71 -15.53
C GLY A 214 8.79 36.11 -16.89
N THR A 215 9.54 35.02 -16.86
CA THR A 215 9.96 34.34 -18.08
C THR A 215 9.15 33.09 -18.33
N ASP A 216 9.45 32.42 -19.44
CA ASP A 216 8.79 31.17 -19.79
C ASP A 216 9.26 30.02 -18.90
N GLY A 217 10.35 30.26 -18.18
CA GLY A 217 10.84 29.29 -17.22
C GLY A 217 12.08 28.55 -17.67
N ASP A 218 12.38 28.65 -18.96
CA ASP A 218 13.53 27.96 -19.52
C ASP A 218 14.83 28.74 -19.29
N SER A 219 14.69 30.01 -18.90
CA SER A 219 15.86 30.83 -18.56
C SER A 219 15.49 32.03 -17.70
N PHE A 220 16.51 32.77 -17.26
CA PHE A 220 16.31 33.92 -16.38
C PHE A 220 17.33 35.02 -16.69
N HIS A 221 17.08 36.22 -16.18
CA HIS A 221 18.02 37.32 -16.37
C HIS A 221 19.29 37.10 -15.54
N PRO A 222 20.44 37.55 -16.07
CA PRO A 222 21.75 37.43 -15.39
C PRO A 222 21.87 38.33 -14.17
N LEU A 223 22.88 38.10 -13.35
CA LEU A 223 23.16 38.89 -12.16
C LEU A 223 21.97 38.85 -11.20
N ILE A 224 21.55 37.63 -10.90
CA ILE A 224 20.47 37.38 -9.96
C ILE A 224 20.99 37.56 -8.55
N THR A 225 20.15 38.07 -7.66
CA THR A 225 20.54 38.29 -6.28
C THR A 225 19.69 37.45 -5.34
N LYS A 226 20.33 36.97 -4.27
CA LYS A 226 19.70 36.10 -3.27
C LYS A 226 18.37 36.61 -2.73
N ASP A 227 18.29 37.91 -2.48
CA ASP A 227 17.10 38.54 -1.93
C ASP A 227 15.86 38.46 -2.84
N GLU A 228 16.09 38.46 -4.15
CA GLU A 228 15.02 38.73 -5.11
C GLU A 228 14.18 37.51 -5.48
N VAL A 229 12.90 37.77 -5.75
CA VAL A 229 11.96 36.76 -6.20
C VAL A 229 11.92 36.68 -7.73
N LEU A 230 11.81 35.46 -8.27
CA LEU A 230 11.82 35.27 -9.72
C LEU A 230 10.50 34.71 -10.24
N TYR A 231 9.93 35.42 -11.21
CA TYR A 231 8.61 35.09 -11.76
C TYR A 231 8.70 34.23 -13.02
N VAL A 232 7.73 33.34 -13.18
CA VAL A 232 7.64 32.46 -14.34
C VAL A 232 6.22 32.47 -14.87
N PHE A 233 6.05 32.32 -16.19
CA PHE A 233 4.72 32.10 -16.74
C PHE A 233 4.64 30.77 -17.49
N PRO A 234 4.30 29.70 -16.77
CA PRO A 234 3.98 28.36 -17.29
C PRO A 234 2.57 28.30 -17.86
N SER A 235 2.43 28.61 -19.16
CA SER A 235 1.13 28.63 -19.83
C SER A 235 0.21 27.49 -19.45
N ASP A 236 0.74 26.27 -19.43
CA ASP A 236 -0.06 25.09 -19.15
C ASP A 236 -0.63 25.13 -17.73
N PHE A 237 -0.01 25.93 -16.86
CA PHE A 237 -0.47 26.09 -15.48
C PHE A 237 -1.57 27.15 -15.41
N CYS A 238 -1.72 27.90 -16.50
CA CYS A 238 -2.80 28.88 -16.65
C CYS A 238 -2.74 30.01 -15.63
N ARG A 239 -1.53 30.35 -15.21
CA ARG A 239 -1.29 31.47 -14.31
C ARG A 239 0.20 31.67 -14.10
N SER A 240 0.56 32.87 -13.65
CA SER A 240 1.95 33.18 -13.34
C SER A 240 2.32 32.62 -11.97
N VAL A 241 3.60 32.38 -11.78
CA VAL A 241 4.10 31.72 -10.57
C VAL A 241 5.46 32.33 -10.24
N TYR A 242 5.77 32.45 -8.95
CA TYR A 242 7.10 32.91 -8.57
C TYR A 242 7.83 31.86 -7.76
N ILE A 243 9.16 31.90 -7.83
CA ILE A 243 9.99 31.00 -7.04
C ILE A 243 10.93 31.82 -6.17
N THR A 244 11.27 31.27 -5.00
CA THR A 244 12.09 32.00 -4.03
C THR A 244 13.37 31.26 -3.70
N PHE A 245 14.37 32.02 -3.26
CA PHE A 245 15.68 31.45 -2.94
C PHE A 245 15.58 30.45 -1.80
N SER A 246 16.20 29.29 -1.99
CA SER A 246 16.26 28.26 -0.97
C SER A 246 17.66 28.11 -0.39
N ASP A 247 18.62 27.72 -1.21
CA ASP A 247 19.98 27.46 -0.74
C ASP A 247 21.02 27.79 -1.79
N TYR A 248 22.29 27.64 -1.44
CA TYR A 248 23.38 27.76 -2.39
C TYR A 248 23.70 26.35 -2.87
N GLU A 249 23.91 26.18 -4.17
CA GLU A 249 24.17 24.85 -4.70
C GLU A 249 25.36 24.85 -5.65
N SER A 250 25.90 23.67 -5.91
CA SER A 250 26.90 23.52 -6.95
C SER A 250 26.46 22.46 -7.93
N VAL A 251 26.38 22.84 -9.19
CA VAL A 251 26.07 21.90 -10.26
C VAL A 251 27.24 21.87 -11.22
N GLN A 252 27.83 20.68 -11.36
CA GLN A 252 29.11 20.52 -12.05
C GLN A 252 30.14 21.38 -11.32
N GLY A 253 30.89 22.18 -12.06
CA GLY A 253 31.87 23.05 -11.43
C GLY A 253 31.31 24.41 -11.11
N LEU A 254 30.04 24.62 -11.42
CA LEU A 254 29.42 25.93 -11.33
C LEU A 254 28.61 26.15 -10.05
N PRO A 255 28.69 27.37 -9.50
CA PRO A 255 27.89 27.80 -8.34
C PRO A 255 26.44 28.04 -8.75
N ALA A 256 25.51 27.77 -7.86
CA ALA A 256 24.10 27.89 -8.21
C ALA A 256 23.24 28.35 -7.04
N PHE A 257 22.26 29.19 -7.34
CA PHE A 257 21.20 29.48 -6.38
C PHE A 257 20.08 28.46 -6.58
N ARG A 258 19.65 27.86 -5.48
CA ARG A 258 18.56 26.90 -5.53
C ARG A 258 17.26 27.65 -5.30
N TYR A 259 16.45 27.76 -6.34
CA TYR A 259 15.15 28.40 -6.25
C TYR A 259 14.04 27.36 -6.30
N LYS A 260 13.12 27.46 -5.35
CA LYS A 260 12.02 26.51 -5.26
C LYS A 260 10.67 27.21 -5.30
N VAL A 261 9.62 26.43 -5.60
CA VAL A 261 8.27 26.94 -5.52
C VAL A 261 7.79 26.89 -4.07
N PRO A 262 7.51 28.08 -3.50
CA PRO A 262 7.04 28.19 -2.11
C PRO A 262 5.59 27.75 -1.95
N ALA A 263 5.18 27.50 -0.70
CA ALA A 263 3.83 27.04 -0.43
C ALA A 263 2.81 28.17 -0.55
N GLU A 264 3.31 29.40 -0.61
CA GLU A 264 2.45 30.57 -0.77
C GLU A 264 1.66 30.52 -2.08
N ILE A 265 2.22 29.81 -3.06
CA ILE A 265 1.66 29.79 -4.39
C ILE A 265 0.26 29.19 -4.42
N LEU A 266 0.12 28.01 -3.83
CA LEU A 266 -1.15 27.30 -3.86
C LEU A 266 -1.96 27.42 -2.57
N ALA A 267 -1.46 28.20 -1.61
CA ALA A 267 -2.12 28.33 -0.31
C ALA A 267 -3.47 29.04 -0.43
N ASN A 268 -4.38 28.76 0.50
CA ASN A 268 -5.66 29.47 0.48
C ASN A 268 -5.50 30.72 1.30
N THR A 269 -5.34 31.84 0.59
CA THR A 269 -5.04 33.12 1.20
C THR A 269 -5.49 34.27 0.32
N SER A 270 -5.91 35.36 0.94
CA SER A 270 -5.42 36.68 0.55
C SER A 270 -5.34 36.88 -0.96
N ASP A 271 -4.10 37.04 -1.44
CA ASP A 271 -3.79 37.27 -2.84
C ASP A 271 -4.32 36.17 -3.78
N ASN A 272 -4.33 34.93 -3.30
CA ASN A 272 -4.71 33.80 -4.15
C ASN A 272 -6.21 33.63 -4.29
N ALA A 273 -6.97 34.49 -3.60
CA ALA A 273 -8.42 34.41 -3.60
C ALA A 273 -9.02 34.55 -5.01
N GLY A 274 -8.35 35.32 -5.86
CA GLY A 274 -8.80 35.54 -7.23
C GLY A 274 -8.71 34.31 -8.12
N PHE A 275 -8.00 33.28 -7.65
CA PHE A 275 -7.87 32.04 -8.41
C PHE A 275 -9.00 31.07 -8.10
N CYS A 276 -9.80 31.41 -7.10
CA CYS A 276 -10.93 30.57 -6.75
C CYS A 276 -12.21 31.15 -7.30
N ILE A 277 -12.66 30.51 -8.38
CA ILE A 277 -13.90 30.84 -9.07
C ILE A 277 -15.07 30.07 -8.48
N PRO A 278 -16.30 30.66 -8.55
CA PRO A 278 -16.48 32.08 -8.91
C PRO A 278 -16.30 33.13 -7.83
N GLU A 279 -16.64 32.80 -6.59
CA GLU A 279 -16.50 33.72 -5.46
C GLU A 279 -15.35 33.22 -4.63
N GLY A 280 -14.18 33.86 -4.61
CA GLY A 280 -13.25 33.78 -3.48
C GLY A 280 -13.29 32.50 -2.64
N ASN A 281 -13.76 31.40 -3.22
CA ASN A 281 -14.02 30.14 -2.51
C ASN A 281 -13.21 29.01 -3.07
N CYS A 282 -12.27 28.58 -2.26
CA CYS A 282 -11.22 27.70 -2.70
C CYS A 282 -11.47 26.27 -2.23
N LEU A 283 -11.03 25.29 -3.00
CA LEU A 283 -11.11 23.90 -2.58
C LEU A 283 -10.18 23.69 -1.39
N GLY A 284 -9.11 24.48 -1.33
CA GLY A 284 -8.17 24.40 -0.24
C GLY A 284 -6.78 24.81 -0.69
N SER A 285 -5.83 24.81 0.25
CA SER A 285 -4.44 25.09 -0.07
C SER A 285 -3.81 23.89 -0.79
N GLY A 286 -3.10 24.16 -1.87
CA GLY A 286 -2.34 23.14 -2.55
C GLY A 286 -2.99 22.64 -3.83
N VAL A 287 -4.08 23.30 -4.23
CA VAL A 287 -4.77 22.92 -5.46
C VAL A 287 -5.15 24.16 -6.27
N LEU A 288 -5.34 23.96 -7.56
CA LEU A 288 -5.68 25.03 -8.47
C LEU A 288 -6.78 24.54 -9.41
N ASN A 289 -7.91 25.24 -9.44
CA ASN A 289 -8.97 24.83 -10.35
C ASN A 289 -8.72 25.50 -11.69
N VAL A 290 -8.31 24.68 -12.64
CA VAL A 290 -7.91 25.13 -13.98
C VAL A 290 -9.00 24.93 -15.02
N SER A 291 -10.18 24.52 -14.59
CA SER A 291 -11.30 24.22 -15.49
C SER A 291 -11.47 25.28 -16.57
N ILE A 292 -11.34 26.54 -16.16
CA ILE A 292 -11.39 27.67 -17.06
C ILE A 292 -10.45 27.50 -18.29
N CYS A 293 -9.15 27.23 -18.08
CA CYS A 293 -8.18 27.12 -19.17
C CYS A 293 -8.19 25.76 -19.87
N LYS A 294 -8.79 24.77 -19.21
CA LYS A 294 -8.81 23.39 -19.66
C LYS A 294 -10.05 22.99 -20.47
N ASN A 295 -10.79 23.98 -20.95
CA ASN A 295 -12.01 23.80 -21.76
C ASN A 295 -13.18 23.28 -20.95
N GLY A 296 -13.37 23.83 -19.76
CA GLY A 296 -14.53 23.49 -18.96
C GLY A 296 -14.44 22.11 -18.35
N ALA A 297 -13.30 21.46 -18.54
CA ALA A 297 -13.07 20.13 -17.97
C ALA A 297 -12.78 20.28 -16.48
N PRO A 298 -13.25 19.32 -15.68
CA PRO A 298 -13.08 19.42 -14.23
C PRO A 298 -11.69 19.04 -13.77
N ILE A 299 -10.68 19.73 -14.29
CA ILE A 299 -9.30 19.40 -13.99
C ILE A 299 -8.81 20.26 -12.83
N ILE A 300 -8.17 19.61 -11.86
CA ILE A 300 -7.59 20.32 -10.74
C ILE A 300 -6.09 20.08 -10.71
N MET A 301 -5.31 21.14 -10.90
CA MET A 301 -3.86 21.02 -10.79
C MET A 301 -3.43 21.00 -9.34
N SER A 302 -2.30 20.34 -9.10
CA SER A 302 -1.71 20.29 -7.78
C SER A 302 -0.26 19.87 -7.92
N PHE A 303 0.44 19.81 -6.80
CA PHE A 303 1.79 19.28 -6.79
C PHE A 303 1.72 17.77 -6.56
N PRO A 304 2.77 17.03 -6.95
CA PRO A 304 2.73 15.56 -6.86
C PRO A 304 2.43 15.04 -5.45
N HIS A 305 1.52 14.08 -5.37
CA HIS A 305 1.07 13.49 -4.10
C HIS A 305 0.56 14.55 -3.14
N PHE A 306 0.03 15.64 -3.69
CA PHE A 306 -0.50 16.76 -2.92
C PHE A 306 0.54 17.30 -1.94
N TYR A 307 1.77 17.41 -2.42
CA TYR A 307 2.83 18.05 -1.68
C TYR A 307 2.47 19.52 -1.49
N GLN A 308 2.75 20.06 -0.31
CA GLN A 308 2.40 21.45 0.04
C GLN A 308 0.90 21.74 0.00
N ALA A 309 0.09 20.73 0.30
CA ALA A 309 -1.36 20.88 0.24
C ALA A 309 -2.00 20.53 1.59
N ASP A 310 -3.27 20.87 1.76
CA ASP A 310 -3.96 20.50 2.98
C ASP A 310 -3.98 18.99 3.08
N GLU A 311 -3.89 18.48 4.31
CA GLU A 311 -3.63 17.08 4.55
C GLU A 311 -4.83 16.23 4.14
N ARG A 312 -6.01 16.83 4.20
CA ARG A 312 -7.26 16.16 3.88
C ARG A 312 -7.29 15.75 2.41
N PHE A 313 -6.53 16.47 1.58
CA PHE A 313 -6.34 16.09 0.20
C PHE A 313 -5.53 14.81 0.09
N VAL A 314 -4.50 14.69 0.94
CA VAL A 314 -3.67 13.50 0.98
C VAL A 314 -4.42 12.32 1.60
N SER A 315 -5.15 12.60 2.67
CA SER A 315 -5.91 11.57 3.38
C SER A 315 -7.04 10.98 2.54
N ALA A 316 -7.57 11.78 1.62
CA ALA A 316 -8.71 11.37 0.82
C ALA A 316 -8.36 10.19 -0.08
N ILE A 317 -7.11 10.14 -0.50
CA ILE A 317 -6.65 9.11 -1.43
C ILE A 317 -5.55 8.25 -0.81
N GLU A 318 -5.83 6.97 -0.62
CA GLU A 318 -4.80 6.04 -0.16
C GLU A 318 -3.77 5.86 -1.27
N GLY A 319 -2.50 5.99 -0.92
CA GLY A 319 -1.43 5.90 -1.89
C GLY A 319 -0.76 7.24 -2.17
N MET A 320 -1.20 8.28 -1.47
CA MET A 320 -0.54 9.57 -1.57
C MET A 320 0.50 9.66 -0.46
N HIS A 321 1.77 9.64 -0.84
CA HIS A 321 2.85 9.77 0.12
C HIS A 321 3.82 10.85 -0.31
N PRO A 322 3.47 12.11 -0.03
CA PRO A 322 4.29 13.23 -0.46
C PRO A 322 5.56 13.41 0.35
N ASN A 323 6.61 13.84 -0.33
CA ASN A 323 7.85 14.21 0.34
C ASN A 323 8.55 15.30 -0.46
N GLN A 324 9.34 16.10 0.24
CA GLN A 324 9.94 17.30 -0.31
C GLN A 324 10.89 16.99 -1.47
N GLU A 325 11.81 16.06 -1.24
CA GLU A 325 12.91 15.83 -2.17
C GLU A 325 12.42 15.26 -3.51
N ASP A 326 11.40 14.41 -3.46
CA ASP A 326 10.83 13.85 -4.67
C ASP A 326 9.81 14.74 -5.38
N HIS A 327 8.94 15.38 -4.62
CA HIS A 327 7.80 16.07 -5.22
C HIS A 327 7.90 17.60 -5.34
N GLU A 328 8.98 18.19 -4.83
CA GLU A 328 9.12 19.64 -4.90
C GLU A 328 9.50 20.09 -6.30
N THR A 329 9.29 21.37 -6.58
CA THR A 329 9.76 21.97 -7.81
C THR A 329 10.92 22.91 -7.50
N PHE A 330 12.08 22.62 -8.06
CA PHE A 330 13.27 23.41 -7.81
C PHE A 330 13.98 23.78 -9.10
N VAL A 331 14.74 24.87 -9.07
CA VAL A 331 15.57 25.25 -10.20
C VAL A 331 16.92 25.77 -9.71
N ASP A 332 17.99 25.21 -10.25
CA ASP A 332 19.35 25.62 -9.88
C ASP A 332 19.90 26.56 -10.94
N ILE A 333 20.04 27.84 -10.58
CA ILE A 333 20.44 28.85 -11.54
C ILE A 333 21.84 29.39 -11.26
N ASN A 334 22.67 29.41 -12.30
CA ASN A 334 23.94 30.12 -12.22
C ASN A 334 23.63 31.60 -12.03
N PRO A 335 24.00 32.15 -10.86
CA PRO A 335 23.60 33.50 -10.45
C PRO A 335 24.13 34.58 -11.38
N LEU A 336 25.34 34.36 -11.90
CA LEU A 336 25.99 35.34 -12.74
C LEU A 336 25.30 35.46 -14.10
N THR A 337 25.09 34.34 -14.76
CA THR A 337 24.60 34.32 -16.13
C THR A 337 23.09 34.11 -16.24
N GLY A 338 22.44 33.89 -15.11
CA GLY A 338 21.01 33.61 -15.10
C GLY A 338 20.65 32.38 -15.91
N ILE A 339 21.58 31.44 -15.98
CA ILE A 339 21.40 30.22 -16.76
C ILE A 339 21.04 29.04 -15.86
N ILE A 340 20.09 28.23 -16.30
CA ILE A 340 19.68 27.05 -15.55
C ILE A 340 20.67 25.91 -15.76
N LEU A 341 21.07 25.30 -14.65
CA LEU A 341 22.04 24.21 -14.66
C LEU A 341 21.29 22.91 -14.43
N LYS A 342 20.60 22.81 -13.30
CA LYS A 342 19.74 21.68 -13.01
C LYS A 342 18.37 22.13 -12.54
N ALA A 343 17.33 21.42 -12.96
CA ALA A 343 15.97 21.76 -12.54
C ALA A 343 15.08 20.53 -12.55
N ALA A 344 14.12 20.50 -11.63
CA ALA A 344 13.01 19.56 -11.70
C ALA A 344 11.71 20.33 -11.53
N LYS A 345 10.93 20.39 -12.61
CA LYS A 345 9.64 21.06 -12.58
C LYS A 345 8.53 20.01 -12.47
N ARG A 346 7.88 19.97 -11.32
CA ARG A 346 6.97 18.87 -11.02
C ARG A 346 5.58 19.36 -10.62
N PHE A 347 4.56 18.78 -11.26
CA PHE A 347 3.18 19.09 -10.92
C PHE A 347 2.25 17.94 -11.31
N GLN A 348 1.08 17.91 -10.69
CA GLN A 348 0.15 16.79 -10.81
C GLN A 348 -1.14 17.18 -11.51
N ILE A 349 -1.75 16.21 -12.21
CA ILE A 349 -3.04 16.42 -12.81
C ILE A 349 -4.10 15.60 -12.09
N ASN A 350 -5.10 16.28 -11.54
CA ASN A 350 -6.15 15.63 -10.79
C ASN A 350 -7.51 15.94 -11.38
N ILE A 351 -8.52 15.17 -10.99
CA ILE A 351 -9.87 15.39 -11.47
C ILE A 351 -10.84 15.56 -10.31
N TYR A 352 -11.65 16.61 -10.36
CA TYR A 352 -12.70 16.79 -9.36
C TYR A 352 -13.83 15.81 -9.63
N VAL A 353 -14.23 15.09 -8.61
CA VAL A 353 -15.28 14.09 -8.77
C VAL A 353 -16.21 14.08 -7.56
N LYS A 354 -17.51 13.98 -7.82
CA LYS A 354 -18.51 13.99 -6.78
C LYS A 354 -19.72 13.15 -7.19
N LYS A 355 -20.51 12.74 -6.22
CA LYS A 355 -21.73 12.00 -6.49
C LYS A 355 -22.78 12.89 -7.16
N LEU A 356 -23.44 12.33 -8.18
CA LEU A 356 -24.48 13.04 -8.90
C LEU A 356 -25.69 12.12 -9.08
N ASP A 357 -26.87 12.59 -8.67
CA ASP A 357 -28.05 11.72 -8.68
C ASP A 357 -28.63 11.54 -10.08
N ASP A 358 -28.41 12.52 -10.94
CA ASP A 358 -28.87 12.44 -12.33
C ASP A 358 -27.99 11.50 -13.12
N PHE A 359 -26.80 11.21 -12.58
CA PHE A 359 -25.90 10.29 -13.24
C PHE A 359 -25.54 9.08 -12.38
N VAL A 360 -26.05 7.93 -12.77
CA VAL A 360 -25.81 6.68 -12.05
C VAL A 360 -24.33 6.30 -12.10
N GLU A 361 -23.64 6.81 -13.10
CA GLU A 361 -22.20 6.59 -13.26
C GLU A 361 -21.42 6.99 -12.01
N THR A 362 -21.90 8.03 -11.34
CA THR A 362 -21.20 8.56 -10.17
C THR A 362 -21.39 7.65 -8.96
N GLY A 363 -22.46 6.86 -8.98
CA GLY A 363 -22.79 5.99 -7.86
C GLY A 363 -22.81 6.73 -6.54
N ASP A 364 -22.21 6.12 -5.52
CA ASP A 364 -22.09 6.73 -4.20
C ASP A 364 -20.73 7.41 -3.97
N ILE A 365 -19.96 7.57 -5.05
CA ILE A 365 -18.57 8.04 -4.96
C ILE A 365 -18.40 9.27 -4.08
N ARG A 366 -17.31 9.28 -3.32
CA ARG A 366 -16.98 10.39 -2.43
C ARG A 366 -16.65 11.66 -3.20
N THR A 367 -16.74 12.79 -2.50
CA THR A 367 -16.34 14.06 -3.07
C THR A 367 -14.87 14.29 -2.77
N MET A 368 -14.05 14.28 -3.82
CA MET A 368 -12.61 14.41 -3.64
C MET A 368 -11.92 14.86 -4.91
N VAL A 369 -10.69 15.33 -4.75
CA VAL A 369 -9.87 15.69 -5.89
C VAL A 369 -9.02 14.46 -6.24
N PHE A 370 -9.33 13.84 -7.39
CA PHE A 370 -8.82 12.52 -7.70
C PHE A 370 -7.56 12.59 -8.57
N PRO A 371 -6.44 12.07 -8.05
CA PRO A 371 -5.16 12.06 -8.75
C PRO A 371 -5.12 11.11 -9.94
N VAL A 372 -4.56 11.57 -11.04
CA VAL A 372 -4.44 10.77 -12.26
C VAL A 372 -2.97 10.55 -12.57
N MET A 373 -2.25 11.64 -12.81
CA MET A 373 -0.86 11.57 -13.20
C MET A 373 -0.08 12.81 -12.74
N TYR A 374 1.22 12.65 -12.50
CA TYR A 374 2.11 13.80 -12.38
C TYR A 374 3.35 13.60 -13.25
N LEU A 375 4.22 14.61 -13.29
CA LEU A 375 5.40 14.55 -14.13
C LEU A 375 6.60 15.29 -13.55
N ASN A 376 7.79 14.96 -14.04
CA ASN A 376 8.99 15.72 -13.74
C ASN A 376 9.60 16.20 -15.05
N GLU A 377 9.58 17.51 -15.25
CA GLU A 377 10.25 18.09 -16.40
C GLU A 377 11.62 18.56 -15.94
N SER A 378 12.66 17.87 -16.41
CA SER A 378 13.99 18.10 -15.87
C SER A 378 15.03 18.44 -16.92
N VAL A 379 16.11 19.03 -16.46
CA VAL A 379 17.27 19.29 -17.29
C VAL A 379 18.50 19.20 -16.40
N HIS A 380 19.59 18.68 -16.95
CA HIS A 380 20.83 18.60 -16.22
C HIS A 380 21.97 18.95 -17.16
N ILE A 381 22.80 19.89 -16.75
CA ILE A 381 23.88 20.33 -17.60
C ILE A 381 24.96 19.24 -17.63
N ASP A 382 25.48 18.97 -18.83
CA ASP A 382 26.55 18.00 -18.96
C ASP A 382 27.83 18.76 -18.64
N LYS A 383 28.96 18.06 -18.59
CA LYS A 383 30.21 18.70 -18.19
C LYS A 383 30.89 19.42 -19.34
N GLU A 384 30.58 19.03 -20.58
CA GLU A 384 31.26 19.64 -21.72
C GLU A 384 30.67 21.01 -22.00
N THR A 385 29.37 21.18 -21.75
CA THR A 385 28.76 22.49 -21.80
C THR A 385 29.09 23.27 -20.53
N ALA A 386 29.19 22.57 -19.41
CA ALA A 386 29.52 23.20 -18.13
C ALA A 386 30.94 23.76 -18.10
N SER A 387 31.92 22.90 -18.39
CA SER A 387 33.32 23.31 -18.38
C SER A 387 33.60 24.38 -19.42
N ARG A 388 32.88 24.30 -20.54
CA ARG A 388 32.97 25.32 -21.58
C ARG A 388 32.36 26.62 -21.07
N LEU A 389 31.27 26.49 -20.32
CA LEU A 389 30.67 27.65 -19.66
C LEU A 389 31.64 28.25 -18.64
N LYS A 390 32.34 27.40 -17.89
CA LYS A 390 33.10 27.87 -16.74
C LYS A 390 34.46 28.47 -17.17
N SER A 391 34.91 28.12 -18.36
CA SER A 391 36.05 28.79 -18.97
C SER A 391 35.63 30.08 -19.68
N MET A 392 34.40 30.10 -20.19
CA MET A 392 33.85 31.26 -20.87
C MET A 392 33.57 32.42 -19.91
N ILE A 393 33.38 32.07 -18.63
CA ILE A 393 33.30 33.03 -17.54
C ILE A 393 34.48 34.01 -17.61
N ASN A 394 35.64 33.49 -18.02
CA ASN A 394 36.88 34.22 -17.94
C ASN A 394 37.63 34.42 -19.27
N ILE B 1 23.11 -28.41 41.54
CA ILE B 1 21.96 -28.81 42.34
C ILE B 1 20.67 -28.07 42.00
N GLU B 2 19.94 -28.53 40.97
CA GLU B 2 18.52 -28.25 40.95
C GLU B 2 17.71 -29.46 40.44
N LYS B 3 17.06 -30.21 41.35
CA LYS B 3 15.93 -31.10 41.01
C LYS B 3 14.68 -30.56 41.68
N LYS B 4 14.79 -29.35 42.18
CA LYS B 4 13.65 -28.61 42.70
C LYS B 4 12.66 -28.43 41.55
N ILE B 5 13.15 -28.52 40.31
CA ILE B 5 12.24 -28.50 39.18
C ILE B 5 11.90 -29.93 38.80
N VAL B 6 10.71 -30.35 39.23
CA VAL B 6 10.04 -31.60 38.92
C VAL B 6 8.61 -31.26 39.28
N LEU B 7 7.62 -32.00 38.78
CA LEU B 7 6.28 -31.75 39.29
C LEU B 7 6.02 -32.70 40.43
N ARG B 8 6.00 -32.13 41.63
CA ARG B 8 5.72 -32.84 42.85
C ARG B 8 4.97 -31.84 43.70
N ASN B 9 3.92 -32.28 44.38
CA ASN B 9 3.05 -31.32 45.05
C ASN B 9 3.82 -30.71 46.21
N GLY B 10 3.74 -29.38 46.32
CA GLY B 10 4.52 -28.66 47.31
C GLY B 10 5.73 -27.94 46.75
N THR B 11 6.21 -28.35 45.58
CA THR B 11 7.38 -27.71 44.99
C THR B 11 7.05 -26.34 44.40
N GLU B 12 8.06 -25.48 44.32
CA GLU B 12 8.01 -24.27 43.49
C GLU B 12 7.54 -24.57 42.10
N ALA B 13 8.18 -25.56 41.48
CA ALA B 13 7.92 -25.84 40.09
C ALA B 13 6.45 -26.17 39.90
N PHE B 14 5.88 -26.96 40.81
CA PHE B 14 4.51 -27.44 40.63
C PHE B 14 3.44 -26.34 40.64
N ASP B 15 3.42 -25.49 41.66
CA ASP B 15 2.42 -24.43 41.72
C ASP B 15 2.58 -23.40 40.60
N SER B 16 3.83 -23.00 40.37
CA SER B 16 4.18 -22.06 39.29
C SER B 16 4.00 -22.71 37.95
N TRP B 17 4.33 -24.02 37.87
CA TRP B 17 3.95 -24.80 36.67
C TRP B 17 2.55 -24.39 36.53
N GLU B 18 1.66 -24.60 37.51
CA GLU B 18 0.22 -24.27 37.29
C GLU B 18 -0.74 -23.22 37.74
N LYS B 19 -0.30 -22.22 38.44
CA LYS B 19 -0.99 -21.03 38.10
C LYS B 19 0.15 -20.18 37.70
N PRO B 20 0.45 -20.18 36.39
CA PRO B 20 1.62 -19.46 35.92
C PRO B 20 1.48 -18.02 36.32
N PRO B 21 2.49 -17.51 37.02
CA PRO B 21 2.56 -16.14 37.54
C PRO B 21 2.78 -15.15 36.42
N LEU B 22 3.44 -15.60 35.36
CA LEU B 22 3.75 -14.75 34.24
C LEU B 22 2.56 -14.64 33.31
N PRO B 23 2.09 -13.41 33.08
CA PRO B 23 0.95 -13.17 32.20
C PRO B 23 1.30 -13.40 30.74
N VAL B 24 0.44 -14.12 30.02
CA VAL B 24 0.63 -14.30 28.59
C VAL B 24 -0.38 -13.44 27.85
N TYR B 25 0.05 -12.86 26.73
CA TYR B 25 -0.82 -12.00 25.93
C TYR B 25 -0.90 -12.51 24.50
N THR B 26 -2.12 -12.53 23.96
CA THR B 26 -2.30 -12.85 22.54
C THR B 26 -2.83 -11.63 21.80
N GLN B 27 -2.09 -11.19 20.79
CA GLN B 27 -2.52 -10.04 20.01
C GLN B 27 -2.93 -10.47 18.61
N PHE B 28 -4.11 -10.04 18.21
CA PHE B 28 -4.65 -10.45 16.93
C PHE B 28 -4.48 -9.38 15.87
N TYR B 29 -4.10 -9.81 14.67
CA TYR B 29 -3.96 -8.90 13.54
C TYR B 29 -4.74 -9.47 12.37
N PHE B 30 -5.59 -8.64 11.77
CA PHE B 30 -6.42 -9.10 10.67
C PHE B 30 -6.03 -8.42 9.37
N PHE B 31 -6.30 -9.10 8.27
CA PHE B 31 -6.03 -8.52 6.96
C PHE B 31 -7.34 -8.18 6.29
N ASN B 32 -7.59 -6.87 6.21
CA ASN B 32 -8.82 -6.35 5.65
C ASN B 32 -8.74 -6.32 4.13
N VAL B 33 -9.73 -6.90 3.48
CA VAL B 33 -9.67 -7.00 2.02
C VAL B 33 -10.22 -5.74 1.38
N THR B 34 -9.35 -5.04 0.66
CA THR B 34 -9.71 -3.73 0.11
C THR B 34 -10.28 -3.77 -1.30
N ASN B 35 -10.14 -4.90 -1.99
CA ASN B 35 -10.62 -4.99 -3.36
C ASN B 35 -11.32 -6.32 -3.69
N PRO B 36 -12.42 -6.63 -3.00
CA PRO B 36 -13.09 -7.92 -3.20
C PRO B 36 -13.63 -8.15 -4.61
N GLU B 37 -14.29 -7.14 -5.18
CA GLU B 37 -14.89 -7.30 -6.49
C GLU B 37 -13.85 -7.45 -7.59
N GLU B 38 -12.68 -6.85 -7.39
CA GLU B 38 -11.60 -6.95 -8.37
C GLU B 38 -10.94 -8.31 -8.27
N ILE B 39 -10.84 -8.83 -7.06
CA ILE B 39 -10.33 -10.17 -6.83
C ILE B 39 -11.22 -11.20 -7.50
N LEU B 40 -12.53 -11.04 -7.32
CA LEU B 40 -13.52 -11.90 -7.97
C LEU B 40 -13.43 -11.80 -9.49
N ARG B 41 -12.87 -10.69 -9.98
CA ARG B 41 -12.71 -10.50 -11.41
C ARG B 41 -11.33 -11.00 -11.84
N GLY B 42 -10.61 -11.61 -10.90
CA GLY B 42 -9.37 -12.29 -11.20
C GLY B 42 -8.12 -11.46 -10.97
N GLU B 43 -8.25 -10.35 -10.26
CA GLU B 43 -7.10 -9.48 -10.01
C GLU B 43 -6.36 -9.85 -8.74
N THR B 44 -5.25 -9.16 -8.51
CA THR B 44 -4.41 -9.42 -7.34
C THR B 44 -5.05 -8.82 -6.10
N PRO B 45 -5.18 -9.63 -5.04
CA PRO B 45 -5.76 -9.13 -3.78
C PRO B 45 -4.90 -8.06 -3.12
N ARG B 46 -5.55 -7.04 -2.62
CA ARG B 46 -4.87 -6.01 -1.85
C ARG B 46 -5.47 -5.96 -0.47
N VAL B 47 -4.64 -6.15 0.54
CA VAL B 47 -5.13 -6.20 1.90
C VAL B 47 -4.38 -5.16 2.73
N GLU B 48 -4.95 -4.84 3.89
CA GLU B 48 -4.32 -3.94 4.84
C GLU B 48 -4.32 -4.52 6.25
N GLU B 49 -3.18 -4.38 6.91
CA GLU B 49 -3.00 -4.94 8.24
C GLU B 49 -3.75 -4.11 9.28
N VAL B 50 -4.52 -4.80 10.12
CA VAL B 50 -5.30 -4.11 11.15
C VAL B 50 -5.09 -4.76 12.52
N GLY B 51 -4.69 -3.94 13.48
CA GLY B 51 -4.42 -4.41 14.83
C GLY B 51 -3.36 -3.55 15.52
N PRO B 52 -2.92 -3.97 16.71
CA PRO B 52 -3.29 -5.20 17.41
C PRO B 52 -4.63 -5.14 18.13
N TYR B 53 -5.21 -6.31 18.36
CA TYR B 53 -6.30 -6.46 19.32
C TYR B 53 -5.78 -7.35 20.44
N THR B 54 -5.53 -6.74 21.59
CA THR B 54 -4.75 -7.40 22.64
C THR B 54 -5.61 -8.05 23.71
N TYR B 55 -5.32 -9.31 23.99
CA TYR B 55 -6.03 -10.09 24.99
C TYR B 55 -5.07 -10.65 26.03
N ARG B 56 -5.37 -10.44 27.30
CA ARG B 56 -4.60 -11.04 28.37
C ARG B 56 -5.11 -12.45 28.63
N GLU B 57 -4.22 -13.41 28.83
CA GLU B 57 -4.64 -14.79 29.02
C GLU B 57 -4.75 -15.18 30.49
N LEU B 58 -5.74 -16.01 30.79
CA LEU B 58 -5.87 -16.65 32.10
C LEU B 58 -5.57 -18.13 31.92
N ARG B 59 -4.61 -18.65 32.67
CA ARG B 59 -4.19 -20.05 32.48
C ARG B 59 -4.13 -20.90 33.76
N ASN B 60 -4.47 -22.19 33.65
CA ASN B 60 -4.30 -23.18 34.73
C ASN B 60 -4.76 -24.58 34.29
N LYS B 61 -4.29 -25.62 34.99
CA LYS B 61 -4.89 -26.95 34.74
C LYS B 61 -6.00 -27.18 35.67
N ALA B 62 -6.89 -28.00 35.16
CA ALA B 62 -7.83 -28.66 35.99
C ALA B 62 -7.63 -30.16 35.80
N ASN B 63 -8.40 -30.95 36.56
CA ASN B 63 -8.44 -32.40 36.38
C ASN B 63 -7.10 -33.06 36.65
N ILE B 64 -6.39 -32.55 37.65
CA ILE B 64 -5.04 -32.99 37.93
C ILE B 64 -5.02 -34.30 38.71
N GLN B 65 -4.44 -35.34 38.12
CA GLN B 65 -4.31 -36.63 38.80
C GLN B 65 -2.96 -37.30 38.54
N PHE B 66 -2.23 -37.61 39.61
CA PHE B 66 -0.97 -38.32 39.48
C PHE B 66 -1.18 -39.80 39.16
N GLY B 67 -0.21 -40.37 38.47
CA GLY B 67 -0.24 -41.76 38.11
C GLY B 67 1.19 -42.26 38.02
N ASP B 68 1.37 -43.57 38.15
CA ASP B 68 2.67 -44.20 37.98
C ASP B 68 3.72 -43.60 38.93
N ASN B 69 3.39 -43.60 40.23
CA ASN B 69 4.33 -43.34 41.32
C ASN B 69 4.66 -41.86 41.51
N GLY B 70 4.10 -41.01 40.65
CA GLY B 70 4.51 -39.61 40.62
C GLY B 70 5.54 -39.35 39.55
N THR B 71 5.69 -40.29 38.62
CA THR B 71 6.48 -40.08 37.41
C THR B 71 5.65 -39.37 36.33
N THR B 72 4.37 -39.72 36.26
CA THR B 72 3.46 -39.10 35.31
C THR B 72 2.37 -38.31 36.02
N ILE B 73 1.78 -37.36 35.30
CA ILE B 73 0.68 -36.56 35.84
C ILE B 73 -0.34 -36.25 34.74
N SER B 74 -1.62 -36.34 35.07
CA SER B 74 -2.69 -36.06 34.11
C SER B 74 -3.31 -34.68 34.33
N ALA B 75 -3.52 -33.95 33.23
CA ALA B 75 -4.10 -32.61 33.33
C ALA B 75 -4.75 -32.14 32.03
N VAL B 76 -5.56 -31.09 32.14
CA VAL B 76 -6.09 -30.36 31.00
C VAL B 76 -5.78 -28.88 31.17
N SER B 77 -5.31 -28.23 30.12
CA SER B 77 -4.91 -26.83 30.24
C SER B 77 -6.05 -25.87 29.92
N ASN B 78 -6.58 -25.20 30.93
CA ASN B 78 -7.61 -24.19 30.69
C ASN B 78 -6.99 -22.87 30.25
N LYS B 79 -7.68 -22.19 29.33
CA LYS B 79 -7.18 -20.94 28.79
C LYS B 79 -8.35 -20.00 28.49
N ALA B 80 -8.21 -18.74 28.88
CA ALA B 80 -9.26 -17.76 28.62
C ALA B 80 -8.64 -16.42 28.21
N TYR B 81 -9.41 -15.60 27.50
CA TYR B 81 -8.87 -14.37 26.95
C TYR B 81 -9.65 -13.15 27.43
N VAL B 82 -8.92 -12.21 28.05
CA VAL B 82 -9.53 -10.98 28.54
C VAL B 82 -9.06 -9.79 27.72
N PHE B 83 -9.99 -9.15 27.03
CA PHE B 83 -9.65 -8.05 26.12
C PHE B 83 -9.13 -6.80 26.82
N GLU B 84 -8.05 -6.24 26.26
CA GLU B 84 -7.48 -5.00 26.77
C GLU B 84 -7.61 -3.88 25.72
N ARG B 85 -8.49 -2.92 25.99
CA ARG B 85 -8.77 -1.86 25.03
C ARG B 85 -7.62 -0.85 24.94
N ASP B 86 -7.06 -0.48 26.08
CA ASP B 86 -6.02 0.54 26.12
C ASP B 86 -4.74 0.09 25.42
N GLN B 87 -4.56 -1.22 25.32
CA GLN B 87 -3.42 -1.82 24.65
C GLN B 87 -3.74 -2.28 23.24
N SER B 88 -4.94 -1.97 22.77
CA SER B 88 -5.42 -2.40 21.46
C SER B 88 -5.73 -1.23 20.54
N VAL B 89 -5.82 -1.52 19.24
CA VAL B 89 -5.99 -0.48 18.24
C VAL B 89 -7.43 0.04 18.17
N GLY B 90 -8.38 -0.72 18.70
CA GLY B 90 -9.77 -0.32 18.67
C GLY B 90 -10.71 -1.30 19.36
N ASP B 91 -12.00 -0.99 19.30
CA ASP B 91 -13.03 -1.84 19.90
C ASP B 91 -13.47 -2.90 18.90
N PRO B 92 -13.15 -4.17 19.19
CA PRO B 92 -13.41 -5.30 18.29
C PRO B 92 -14.90 -5.50 18.03
N LYS B 93 -15.74 -4.96 18.90
CA LYS B 93 -17.18 -5.05 18.70
C LYS B 93 -17.65 -3.99 17.71
N ILE B 94 -16.96 -2.85 17.70
CA ILE B 94 -17.22 -1.81 16.70
C ILE B 94 -16.46 -2.01 15.39
N ASP B 95 -15.18 -2.40 15.50
CA ASP B 95 -14.30 -2.48 14.33
C ASP B 95 -14.68 -3.59 13.34
N LEU B 96 -14.69 -3.25 12.06
CA LEU B 96 -15.09 -4.17 11.00
C LEU B 96 -13.93 -4.70 10.16
N ILE B 97 -13.91 -6.00 9.91
CA ILE B 97 -12.98 -6.60 8.95
C ILE B 97 -13.73 -7.28 7.81
N ARG B 98 -13.37 -6.93 6.58
CA ARG B 98 -13.88 -7.62 5.41
C ARG B 98 -12.87 -8.66 4.92
N THR B 99 -13.32 -9.90 4.82
CA THR B 99 -12.48 -10.99 4.32
C THR B 99 -13.32 -12.10 3.73
N LEU B 100 -12.67 -13.22 3.43
CA LEU B 100 -13.33 -14.38 2.83
C LEU B 100 -14.49 -14.88 3.68
N ASN B 101 -15.49 -15.49 3.04
CA ASN B 101 -16.54 -16.13 3.79
C ASN B 101 -16.10 -17.58 4.00
N ILE B 102 -15.64 -17.87 5.20
CA ILE B 102 -15.08 -19.18 5.54
C ILE B 102 -16.13 -20.30 5.67
N PRO B 103 -17.26 -20.05 6.36
CA PRO B 103 -18.28 -21.11 6.41
C PRO B 103 -18.72 -21.64 5.06
N VAL B 104 -18.95 -20.76 4.08
CA VAL B 104 -19.44 -21.22 2.78
C VAL B 104 -18.31 -21.84 1.96
N LEU B 105 -17.09 -21.36 2.17
CA LEU B 105 -15.92 -21.99 1.56
C LEU B 105 -15.70 -23.37 2.16
N THR B 106 -16.07 -23.51 3.42
CA THR B 106 -15.92 -24.77 4.14
C THR B 106 -16.89 -25.81 3.61
N VAL B 107 -18.17 -25.46 3.56
CA VAL B 107 -19.20 -26.37 3.09
C VAL B 107 -19.07 -26.72 1.61
N ILE B 108 -18.52 -25.79 0.82
CA ILE B 108 -18.24 -26.08 -0.58
C ILE B 108 -17.21 -27.20 -0.70
N GLU B 109 -16.11 -27.06 0.03
CA GLU B 109 -15.10 -28.11 0.14
C GLU B 109 -15.78 -29.40 0.61
N TRP B 110 -16.66 -29.25 1.61
CA TRP B 110 -17.49 -30.34 2.11
C TRP B 110 -18.40 -30.97 1.07
N SER B 111 -18.71 -30.22 0.00
CA SER B 111 -19.59 -30.73 -1.05
C SER B 111 -18.85 -31.61 -2.05
N GLN B 112 -17.64 -31.19 -2.41
CA GLN B 112 -16.84 -31.87 -3.43
C GLN B 112 -16.35 -33.26 -2.98
N VAL B 113 -15.63 -33.32 -1.85
CA VAL B 113 -15.56 -34.54 -1.05
C VAL B 113 -16.88 -34.54 -0.33
N HIS B 114 -17.43 -35.62 0.18
CA HIS B 114 -18.59 -35.25 0.97
C HIS B 114 -18.45 -35.61 2.46
N PHE B 115 -18.26 -34.55 3.24
CA PHE B 115 -18.24 -34.57 4.69
C PHE B 115 -19.67 -34.55 5.22
N LEU B 116 -20.45 -33.61 4.67
CA LEU B 116 -21.91 -33.59 4.76
C LEU B 116 -22.22 -33.64 3.29
N ARG B 117 -23.33 -34.23 2.88
CA ARG B 117 -23.42 -34.48 1.46
C ARG B 117 -23.62 -33.30 0.54
N GLU B 118 -23.09 -33.54 -0.65
CA GLU B 118 -23.36 -32.78 -1.83
C GLU B 118 -24.82 -33.23 -2.08
N ILE B 119 -25.59 -32.48 -2.88
CA ILE B 119 -27.05 -32.47 -2.99
C ILE B 119 -27.72 -31.40 -2.17
N ILE B 120 -27.11 -30.95 -1.08
CA ILE B 120 -27.62 -29.89 -0.21
C ILE B 120 -26.92 -28.62 -0.68
N GLU B 121 -26.19 -28.73 -1.80
CA GLU B 121 -25.72 -27.55 -2.52
C GLU B 121 -26.86 -26.58 -2.74
N ALA B 122 -28.07 -27.13 -2.83
CA ALA B 122 -29.27 -26.39 -3.11
C ALA B 122 -29.49 -25.32 -2.04
N MET B 123 -28.81 -25.45 -0.90
CA MET B 123 -28.80 -24.39 0.08
C MET B 123 -28.20 -23.16 -0.57
N LEU B 124 -27.01 -23.36 -1.14
CA LEU B 124 -26.25 -22.31 -1.78
C LEU B 124 -27.00 -21.72 -2.97
N LYS B 125 -27.70 -22.56 -3.71
CA LYS B 125 -28.44 -22.06 -4.87
C LYS B 125 -29.82 -21.50 -4.47
N ALA B 126 -30.35 -21.94 -3.34
CA ALA B 126 -31.55 -21.30 -2.79
C ALA B 126 -31.20 -19.95 -2.20
N TYR B 127 -30.20 -19.94 -1.33
CA TYR B 127 -29.73 -18.70 -0.73
C TYR B 127 -28.30 -18.47 -1.18
N GLN B 128 -28.09 -17.51 -2.09
CA GLN B 128 -26.75 -17.33 -2.61
C GLN B 128 -25.97 -16.41 -1.70
N GLN B 129 -24.67 -16.67 -1.60
CA GLN B 129 -23.84 -16.06 -0.58
C GLN B 129 -22.66 -15.33 -1.19
N LYS B 130 -22.14 -14.34 -0.47
CA LYS B 130 -20.99 -13.58 -0.91
C LYS B 130 -19.70 -14.25 -0.48
N LEU B 131 -18.72 -14.26 -1.36
CA LEU B 131 -17.43 -14.87 -1.06
C LEU B 131 -16.67 -13.99 -0.07
N PHE B 132 -16.83 -12.68 -0.23
CA PHE B 132 -16.25 -11.75 0.71
C PHE B 132 -17.34 -11.14 1.57
N VAL B 133 -17.13 -11.19 2.88
CA VAL B 133 -18.12 -10.73 3.83
C VAL B 133 -17.51 -9.78 4.82
N THR B 134 -18.36 -9.04 5.53
CA THR B 134 -17.88 -8.09 6.51
C THR B 134 -18.52 -8.40 7.86
N HIS B 135 -17.67 -8.64 8.85
CA HIS B 135 -18.11 -8.90 10.21
C HIS B 135 -17.19 -8.16 11.16
N THR B 136 -17.59 -8.07 12.42
CA THR B 136 -16.74 -7.41 13.41
C THR B 136 -15.59 -8.33 13.81
N VAL B 137 -14.52 -7.72 14.33
CA VAL B 137 -13.36 -8.47 14.82
C VAL B 137 -13.79 -9.47 15.90
N ASP B 138 -14.72 -9.04 16.75
CA ASP B 138 -15.22 -9.87 17.83
C ASP B 138 -15.98 -11.07 17.27
N GLU B 139 -16.78 -10.82 16.24
CA GLU B 139 -17.54 -11.88 15.57
C GLU B 139 -16.65 -12.91 14.89
N LEU B 140 -15.59 -12.45 14.22
CA LEU B 140 -14.69 -13.34 13.52
C LEU B 140 -13.91 -14.22 14.49
N LEU B 141 -13.53 -13.65 15.62
CA LEU B 141 -12.77 -14.37 16.62
C LEU B 141 -13.66 -15.32 17.43
N TRP B 142 -14.63 -14.74 18.13
CA TRP B 142 -15.41 -15.47 19.12
C TRP B 142 -16.72 -16.00 18.58
N GLY B 143 -16.96 -15.78 17.29
CA GLY B 143 -18.04 -16.44 16.59
C GLY B 143 -19.22 -15.58 16.20
N TYR B 144 -19.92 -16.02 15.18
CA TYR B 144 -21.16 -15.40 14.71
C TYR B 144 -21.99 -16.50 14.06
N LYS B 145 -23.28 -16.26 13.89
CA LYS B 145 -24.16 -17.29 13.37
C LYS B 145 -24.29 -17.17 11.85
N ASP B 146 -24.14 -18.29 11.16
CA ASP B 146 -24.09 -18.28 9.71
C ASP B 146 -25.37 -18.82 9.08
N GLU B 147 -25.81 -18.16 8.02
CA GLU B 147 -26.98 -18.55 7.25
C GLU B 147 -26.97 -20.02 6.84
N ILE B 148 -26.00 -20.42 6.03
CA ILE B 148 -25.97 -21.79 5.49
C ILE B 148 -25.76 -22.85 6.57
N LEU B 149 -24.93 -22.53 7.56
CA LEU B 149 -24.70 -23.45 8.67
C LEU B 149 -25.98 -23.67 9.48
N SER B 150 -26.74 -22.60 9.68
CA SER B 150 -28.01 -22.70 10.39
C SER B 150 -28.97 -23.61 9.65
N LEU B 151 -28.98 -23.48 8.32
CA LEU B 151 -29.82 -24.31 7.47
C LEU B 151 -29.36 -25.77 7.48
N ILE B 152 -28.05 -25.97 7.53
CA ILE B 152 -27.49 -27.32 7.57
C ILE B 152 -27.78 -27.96 8.93
N HIS B 153 -27.67 -27.15 9.98
CA HIS B 153 -27.93 -27.58 11.35
C HIS B 153 -29.30 -28.25 11.49
N VAL B 154 -30.25 -27.77 10.69
CA VAL B 154 -31.59 -28.35 10.64
C VAL B 154 -31.56 -29.83 10.28
N PHE B 155 -30.77 -30.17 9.26
CA PHE B 155 -30.67 -31.54 8.79
C PHE B 155 -29.75 -32.32 9.72
N ARG B 156 -28.69 -31.64 10.16
CA ARG B 156 -27.64 -32.27 10.93
C ARG B 156 -27.30 -31.45 12.17
N PRO B 157 -27.99 -31.71 13.29
CA PRO B 157 -27.80 -30.99 14.56
C PRO B 157 -26.36 -31.08 15.06
N ASP B 158 -25.66 -32.14 14.65
CA ASP B 158 -24.26 -32.33 15.00
C ASP B 158 -23.39 -31.21 14.44
N ILE B 159 -23.88 -30.53 13.41
CA ILE B 159 -23.16 -29.43 12.80
C ILE B 159 -23.69 -28.07 13.28
N SER B 160 -22.78 -27.24 13.80
CA SER B 160 -23.13 -25.97 14.43
C SER B 160 -23.46 -24.85 13.44
N PRO B 161 -24.46 -24.03 13.77
CA PRO B 161 -24.80 -22.81 13.02
C PRO B 161 -23.74 -21.71 13.18
N TYR B 162 -22.93 -21.83 14.22
CA TYR B 162 -21.91 -20.84 14.51
C TYR B 162 -20.54 -21.16 13.96
N PHE B 163 -19.85 -20.10 13.53
CA PHE B 163 -18.45 -20.18 13.17
C PHE B 163 -17.68 -19.02 13.78
N GLY B 164 -16.48 -19.32 14.24
CA GLY B 164 -15.55 -18.31 14.67
C GLY B 164 -14.18 -18.95 14.64
N LEU B 165 -13.15 -18.15 14.44
CA LEU B 165 -11.79 -18.68 14.39
C LEU B 165 -11.47 -19.31 15.73
N PHE B 166 -11.80 -18.60 16.80
CA PHE B 166 -11.64 -19.08 18.17
C PHE B 166 -12.92 -19.57 18.85
N TYR B 167 -13.99 -19.77 18.08
CA TYR B 167 -15.31 -20.09 18.64
C TYR B 167 -15.31 -21.20 19.69
N GLU B 168 -15.92 -20.90 20.83
CA GLU B 168 -15.96 -21.76 22.01
C GLU B 168 -14.59 -22.24 22.50
N LYS B 169 -13.54 -21.48 22.22
CA LYS B 169 -12.24 -21.78 22.80
C LYS B 169 -11.97 -20.97 24.06
N ASN B 170 -12.82 -19.99 24.34
CA ASN B 170 -12.65 -19.18 25.53
C ASN B 170 -13.07 -19.90 26.80
N GLY B 171 -12.15 -20.03 27.75
CA GLY B 171 -12.43 -20.66 29.02
C GLY B 171 -12.58 -22.17 28.94
N THR B 172 -11.96 -22.78 27.94
CA THR B 172 -11.99 -24.22 27.79
C THR B 172 -10.57 -24.75 27.64
N ASN B 173 -10.44 -26.06 27.47
CA ASN B 173 -9.11 -26.63 27.27
C ASN B 173 -8.95 -27.26 25.90
N ASP B 174 -7.73 -27.69 25.60
CA ASP B 174 -7.40 -28.31 24.33
C ASP B 174 -7.46 -29.83 24.43
N GLY B 175 -7.99 -30.33 25.53
CA GLY B 175 -8.19 -31.75 25.73
C GLY B 175 -7.28 -32.40 26.76
N ASP B 176 -7.47 -33.70 26.96
CA ASP B 176 -6.81 -34.40 28.04
C ASP B 176 -5.34 -34.64 27.73
N TYR B 177 -4.47 -34.15 28.61
CA TYR B 177 -3.05 -34.41 28.50
C TYR B 177 -2.59 -35.30 29.63
N VAL B 178 -1.55 -36.07 29.36
CA VAL B 178 -0.81 -36.73 30.42
C VAL B 178 0.64 -36.30 30.30
N PHE B 179 1.13 -35.62 31.35
CA PHE B 179 2.47 -35.06 31.33
C PHE B 179 3.44 -35.94 32.09
N LEU B 180 4.67 -36.00 31.59
CA LEU B 180 5.72 -36.73 32.26
C LEU B 180 6.52 -35.76 33.10
N THR B 181 6.43 -35.89 34.41
CA THR B 181 7.20 -34.98 35.25
C THR B 181 8.63 -35.47 35.33
N GLY B 182 9.47 -34.67 35.98
CA GLY B 182 10.91 -34.84 35.87
C GLY B 182 11.58 -35.86 36.77
N GLU B 183 10.81 -36.73 37.42
CA GLU B 183 11.39 -37.51 38.51
C GLU B 183 11.98 -38.83 38.03
N ASP B 184 11.68 -39.23 36.80
CA ASP B 184 12.43 -40.30 36.16
C ASP B 184 13.74 -39.75 35.58
N SER B 185 13.64 -38.60 34.94
CA SER B 185 14.80 -37.85 34.48
C SER B 185 14.44 -36.38 34.39
N TYR B 186 15.41 -35.49 34.63
CA TYR B 186 15.12 -34.07 34.58
C TYR B 186 14.88 -33.69 33.12
N LEU B 187 15.50 -34.45 32.22
CA LEU B 187 15.40 -34.21 30.78
C LEU B 187 13.97 -34.31 30.28
N ASN B 188 13.25 -35.29 30.81
CA ASN B 188 11.91 -35.61 30.33
C ASN B 188 10.83 -34.90 31.13
N PHE B 189 11.27 -33.93 31.94
CA PHE B 189 10.38 -33.03 32.66
C PHE B 189 9.35 -32.40 31.74
N THR B 190 8.10 -32.36 32.21
CA THR B 190 6.92 -31.82 31.51
C THR B 190 6.82 -32.25 30.04
N LYS B 191 7.32 -33.45 29.74
CA LYS B 191 7.19 -33.99 28.40
C LYS B 191 5.79 -34.59 28.31
N ILE B 192 5.20 -34.57 27.13
CA ILE B 192 3.86 -35.12 27.00
C ILE B 192 4.00 -36.56 26.55
N VAL B 193 3.59 -37.48 27.39
CA VAL B 193 3.61 -38.85 26.95
C VAL B 193 2.32 -38.97 26.21
N GLU B 194 1.37 -38.07 26.55
CA GLU B 194 0.19 -37.88 25.67
C GLU B 194 -1.00 -36.83 25.90
N TRP B 195 -1.87 -36.74 24.88
CA TRP B 195 -2.99 -35.88 24.56
C TRP B 195 -4.18 -36.73 24.03
N ASN B 196 -5.33 -36.71 24.71
CA ASN B 196 -6.51 -37.55 24.37
C ASN B 196 -6.33 -39.05 24.14
N GLY B 197 -5.45 -39.67 24.92
CA GLY B 197 -5.29 -41.12 24.99
C GLY B 197 -4.69 -42.09 23.96
N LYS B 198 -4.11 -41.66 22.81
CA LYS B 198 -3.23 -42.61 22.05
C LYS B 198 -2.06 -41.91 21.29
N THR B 199 -1.01 -42.71 21.08
CA THR B 199 0.39 -42.31 21.24
C THR B 199 1.01 -41.45 20.15
N SER B 200 0.23 -41.27 19.10
CA SER B 200 0.65 -40.59 17.89
C SER B 200 -0.56 -39.85 17.37
N LEU B 201 -0.42 -39.22 16.22
CA LEU B 201 -1.57 -38.53 15.68
C LEU B 201 -2.24 -39.43 14.65
N ASP B 202 -3.45 -39.02 14.26
CA ASP B 202 -4.22 -39.69 13.24
C ASP B 202 -3.85 -39.21 11.84
N TRP B 203 -3.63 -37.91 11.77
CA TRP B 203 -3.75 -37.12 10.55
C TRP B 203 -2.73 -37.39 9.45
N TRP B 204 -1.45 -37.38 9.81
CA TRP B 204 -0.37 -37.39 8.83
C TRP B 204 -0.03 -38.76 8.26
N ILE B 205 0.53 -38.75 7.06
CA ILE B 205 0.83 -39.98 6.35
C ILE B 205 1.82 -40.84 7.12
N THR B 206 3.00 -40.29 7.37
CA THR B 206 3.99 -41.09 8.07
C THR B 206 3.75 -41.22 9.57
N ASP B 207 4.18 -42.39 10.04
CA ASP B 207 4.44 -42.68 11.43
C ASP B 207 5.15 -41.50 12.07
N LYS B 208 6.17 -41.06 11.34
CA LYS B 208 7.17 -40.10 11.75
C LYS B 208 6.59 -38.68 11.94
N CYS B 209 5.75 -38.26 11.00
CA CYS B 209 5.09 -36.96 11.07
C CYS B 209 4.01 -36.94 12.14
N ASN B 210 3.46 -38.12 12.44
CA ASN B 210 2.40 -38.25 13.42
C ASN B 210 2.90 -38.36 14.85
N MET B 211 4.22 -38.35 15.03
CA MET B 211 4.78 -38.49 16.36
C MET B 211 4.52 -37.24 17.18
N ILE B 212 4.36 -37.44 18.48
CA ILE B 212 4.21 -36.30 19.37
C ILE B 212 5.47 -36.20 20.20
N ASN B 213 6.31 -35.21 19.88
CA ASN B 213 7.58 -35.02 20.58
C ASN B 213 7.55 -33.71 21.38
N GLY B 214 8.22 -33.72 22.53
CA GLY B 214 8.50 -32.49 23.24
C GLY B 214 7.48 -32.09 24.29
N THR B 215 7.46 -30.81 24.64
CA THR B 215 6.54 -30.28 25.63
C THR B 215 5.41 -29.45 25.01
N ASP B 216 4.52 -28.95 25.87
CA ASP B 216 3.42 -28.10 25.42
C ASP B 216 3.90 -26.71 24.99
N GLY B 217 5.12 -26.37 25.35
CA GLY B 217 5.73 -25.13 24.89
C GLY B 217 5.81 -24.04 25.93
N ASP B 218 5.06 -24.21 27.03
CA ASP B 218 5.02 -23.20 28.08
C ASP B 218 6.22 -23.30 29.02
N SER B 219 6.95 -24.41 28.92
CA SER B 219 8.16 -24.58 29.70
C SER B 219 9.06 -25.64 29.07
N PHE B 220 10.25 -25.81 29.65
CA PHE B 220 11.24 -26.74 29.12
C PHE B 220 12.02 -27.40 30.26
N HIS B 221 12.74 -28.47 29.93
CA HIS B 221 13.55 -29.15 30.91
C HIS B 221 14.72 -28.26 31.31
N PRO B 222 15.15 -28.35 32.56
CA PRO B 222 16.26 -27.53 33.06
C PRO B 222 17.59 -27.97 32.47
N LEU B 223 18.62 -27.13 32.62
CA LEU B 223 19.97 -27.44 32.15
C LEU B 223 20.02 -27.72 30.65
N ILE B 224 19.46 -26.79 29.88
CA ILE B 224 19.49 -26.86 28.43
C ILE B 224 20.86 -26.42 27.94
N THR B 225 21.33 -27.06 26.87
CA THR B 225 22.62 -26.74 26.28
C THR B 225 22.46 -26.31 24.83
N LYS B 226 23.34 -25.41 24.39
CA LYS B 226 23.33 -24.84 23.04
C LYS B 226 23.18 -25.87 21.92
N ASP B 227 23.84 -27.02 22.09
CA ASP B 227 23.84 -28.08 21.07
C ASP B 227 22.46 -28.62 20.70
N GLU B 228 21.56 -28.67 21.67
CA GLU B 228 20.36 -29.49 21.53
C GLU B 228 19.18 -28.82 20.84
N VAL B 229 18.44 -29.64 20.10
CA VAL B 229 17.21 -29.22 19.45
C VAL B 229 16.06 -29.49 20.41
N LEU B 230 15.09 -28.58 20.48
CA LEU B 230 14.00 -28.70 21.44
C LEU B 230 12.64 -28.89 20.77
N TYR B 231 11.94 -29.96 21.14
CA TYR B 231 10.67 -30.30 20.51
C TYR B 231 9.48 -29.74 21.28
N VAL B 232 8.44 -29.35 20.53
CA VAL B 232 7.23 -28.79 21.11
C VAL B 232 6.01 -29.41 20.43
N PHE B 233 4.91 -29.56 21.17
CA PHE B 233 3.64 -29.93 20.55
C PHE B 233 2.56 -28.87 20.80
N PRO B 234 2.46 -27.90 19.88
CA PRO B 234 1.42 -26.88 19.76
C PRO B 234 0.15 -27.49 19.20
N SER B 235 -0.71 -27.98 20.09
CA SER B 235 -1.95 -28.68 19.74
C SER B 235 -2.68 -28.07 18.54
N ASP B 236 -2.86 -26.76 18.56
CA ASP B 236 -3.59 -26.07 17.52
C ASP B 236 -2.87 -26.12 16.16
N PHE B 237 -1.56 -26.37 16.18
CA PHE B 237 -0.77 -26.42 14.95
C PHE B 237 -0.91 -27.78 14.26
N CYS B 238 -1.49 -28.72 14.98
CA CYS B 238 -1.83 -30.04 14.44
C CYS B 238 -0.61 -30.84 13.99
N ARG B 239 0.52 -30.63 14.67
CA ARG B 239 1.75 -31.39 14.43
C ARG B 239 2.81 -31.00 15.44
N SER B 240 3.82 -31.86 15.58
CA SER B 240 4.94 -31.56 16.45
C SER B 240 5.93 -30.64 15.74
N VAL B 241 6.68 -29.86 16.51
CA VAL B 241 7.57 -28.85 15.98
C VAL B 241 8.79 -28.73 16.88
N TYR B 242 9.96 -28.45 16.29
CA TYR B 242 11.16 -28.22 17.07
C TYR B 242 11.74 -26.82 16.86
N ILE B 243 12.48 -26.35 17.86
CA ILE B 243 13.15 -25.06 17.78
C ILE B 243 14.66 -25.19 18.00
N THR B 244 15.43 -24.32 17.36
CA THR B 244 16.89 -24.39 17.41
C THR B 244 17.51 -23.11 17.96
N PHE B 245 18.71 -23.24 18.51
CA PHE B 245 19.45 -22.13 19.11
C PHE B 245 19.79 -21.04 18.10
N SER B 246 19.59 -19.79 18.48
CA SER B 246 19.97 -18.68 17.60
C SER B 246 21.22 -18.00 18.17
N ASP B 247 21.08 -17.35 19.33
CA ASP B 247 22.20 -16.67 19.97
C ASP B 247 21.89 -16.44 21.46
N TYR B 248 22.80 -15.80 22.18
CA TYR B 248 22.68 -15.52 23.60
C TYR B 248 21.95 -14.21 23.83
N GLU B 249 21.05 -14.21 24.80
CA GLU B 249 20.22 -13.05 25.12
C GLU B 249 20.14 -12.80 26.61
N SER B 250 19.72 -11.59 26.97
CA SER B 250 19.41 -11.27 28.36
C SER B 250 17.98 -10.73 28.45
N VAL B 251 17.18 -11.35 29.30
CA VAL B 251 15.83 -10.90 29.55
C VAL B 251 15.74 -10.51 31.02
N GLN B 252 15.44 -9.25 31.27
CA GLN B 252 15.60 -8.68 32.61
C GLN B 252 17.06 -8.86 33.02
N GLY B 253 17.28 -9.40 34.21
CA GLY B 253 18.63 -9.62 34.70
C GLY B 253 19.21 -10.99 34.41
N LEU B 254 18.50 -11.82 33.67
CA LEU B 254 18.89 -13.22 33.53
C LEU B 254 19.43 -13.58 32.15
N PRO B 255 20.39 -14.53 32.12
CA PRO B 255 20.92 -15.05 30.85
C PRO B 255 19.92 -15.97 30.18
N ALA B 256 19.90 -15.95 28.85
CA ALA B 256 18.93 -16.74 28.11
C ALA B 256 19.50 -17.24 26.79
N PHE B 257 19.12 -18.44 26.41
CA PHE B 257 19.39 -18.93 25.06
C PHE B 257 18.22 -18.55 24.16
N ARG B 258 18.53 -17.97 23.00
CA ARG B 258 17.48 -17.58 22.07
C ARG B 258 17.22 -18.72 21.09
N TYR B 259 16.04 -19.31 21.21
CA TYR B 259 15.62 -20.40 20.34
C TYR B 259 14.57 -19.92 19.34
N LYS B 260 14.77 -20.24 18.08
CA LYS B 260 13.84 -19.84 17.03
C LYS B 260 13.32 -21.04 16.26
N VAL B 261 12.20 -20.85 15.58
CA VAL B 261 11.69 -21.85 14.65
C VAL B 261 12.42 -21.73 13.33
N PRO B 262 13.15 -22.78 12.93
CA PRO B 262 13.92 -22.76 11.68
C PRO B 262 13.03 -22.88 10.45
N ALA B 263 13.58 -22.53 9.28
CA ALA B 263 12.82 -22.55 8.05
C ALA B 263 12.62 -23.97 7.54
N GLU B 264 13.38 -24.91 8.10
CA GLU B 264 13.26 -26.32 7.75
C GLU B 264 11.89 -26.91 8.04
N ILE B 265 11.18 -26.32 9.00
CA ILE B 265 9.94 -26.87 9.49
C ILE B 265 8.87 -26.95 8.39
N LEU B 266 8.66 -25.83 7.71
CA LEU B 266 7.63 -25.74 6.67
C LEU B 266 8.17 -25.88 5.24
N ALA B 267 9.46 -26.13 5.10
CA ALA B 267 10.07 -26.21 3.78
C ALA B 267 9.49 -27.40 3.03
N ASN B 268 9.50 -27.35 1.70
CA ASN B 268 9.00 -28.49 0.95
C ASN B 268 10.15 -29.44 0.72
N THR B 269 10.16 -30.51 1.52
CA THR B 269 11.26 -31.47 1.55
C THR B 269 10.78 -32.83 2.03
N SER B 270 11.36 -33.90 1.48
CA SER B 270 11.95 -34.93 2.32
C SER B 270 11.10 -35.28 3.54
N ASP B 271 11.68 -34.90 4.67
CA ASP B 271 11.14 -35.11 6.01
C ASP B 271 9.71 -34.63 6.18
N ASN B 272 9.41 -33.47 5.60
CA ASN B 272 8.09 -32.85 5.73
C ASN B 272 7.05 -33.30 4.71
N ALA B 273 7.47 -34.14 3.77
CA ALA B 273 6.58 -34.59 2.69
C ALA B 273 5.33 -35.30 3.20
N GLY B 274 5.46 -35.97 4.33
CA GLY B 274 4.33 -36.68 4.93
C GLY B 274 3.27 -35.73 5.45
N PHE B 275 3.60 -34.44 5.52
CA PHE B 275 2.65 -33.43 5.98
C PHE B 275 1.83 -32.91 4.82
N CYS B 276 2.24 -33.25 3.60
CA CYS B 276 1.47 -32.84 2.44
C CYS B 276 0.67 -34.07 2.03
N ILE B 277 -0.60 -34.01 2.40
CA ILE B 277 -1.62 -35.03 2.15
C ILE B 277 -2.33 -34.76 0.81
N PRO B 278 -2.93 -35.79 0.17
CA PRO B 278 -2.87 -37.24 0.47
C PRO B 278 -1.66 -38.04 -0.06
N GLU B 279 -1.18 -37.69 -1.25
CA GLU B 279 -0.10 -38.44 -1.90
C GLU B 279 1.29 -37.83 -1.81
N GLY B 280 1.44 -36.78 -1.01
CA GLY B 280 2.78 -36.28 -0.75
C GLY B 280 3.21 -35.16 -1.66
N ASN B 281 2.25 -34.40 -2.20
CA ASN B 281 2.56 -33.29 -3.10
C ASN B 281 2.11 -31.98 -2.46
N CYS B 282 3.09 -31.12 -2.22
CA CYS B 282 2.95 -30.00 -1.30
C CYS B 282 2.68 -28.69 -2.01
N LEU B 283 1.94 -27.80 -1.34
CA LEU B 283 1.64 -26.48 -1.90
C LEU B 283 2.89 -25.64 -2.08
N GLY B 284 3.88 -25.87 -1.23
CA GLY B 284 5.14 -25.15 -1.31
C GLY B 284 5.79 -25.02 0.04
N SER B 285 6.98 -24.42 0.07
CA SER B 285 7.66 -24.17 1.33
C SER B 285 7.00 -23.03 2.10
N GLY B 286 6.77 -23.26 3.39
CA GLY B 286 6.29 -22.20 4.26
C GLY B 286 4.81 -22.23 4.61
N VAL B 287 4.12 -23.28 4.19
CA VAL B 287 2.69 -23.41 4.49
C VAL B 287 2.35 -24.82 4.96
N LEU B 288 1.22 -24.95 5.64
CA LEU B 288 0.78 -26.23 6.17
C LEU B 288 -0.72 -26.42 5.94
N ASN B 289 -1.07 -27.52 5.27
CA ASN B 289 -2.48 -27.79 5.03
C ASN B 289 -3.03 -28.56 6.22
N VAL B 290 -3.87 -27.87 6.98
CA VAL B 290 -4.44 -28.37 8.23
C VAL B 290 -5.89 -28.85 8.14
N SER B 291 -6.43 -28.93 6.92
CA SER B 291 -7.84 -29.27 6.70
C SER B 291 -8.35 -30.41 7.57
N ILE B 292 -7.53 -31.44 7.73
CA ILE B 292 -7.80 -32.57 8.61
C ILE B 292 -8.22 -32.16 10.03
N CYS B 293 -7.37 -31.40 10.71
CA CYS B 293 -7.61 -31.04 12.10
C CYS B 293 -8.63 -29.91 12.22
N LYS B 294 -8.90 -29.24 11.10
CA LYS B 294 -9.82 -28.11 11.07
C LYS B 294 -11.24 -28.48 10.64
N ASN B 295 -11.52 -29.79 10.58
CA ASN B 295 -12.85 -30.31 10.26
C ASN B 295 -13.26 -30.06 8.81
N GLY B 296 -12.35 -30.36 7.89
CA GLY B 296 -12.64 -30.27 6.47
C GLY B 296 -12.63 -28.86 5.93
N ALA B 297 -12.30 -27.89 6.78
CA ALA B 297 -12.20 -26.52 6.35
C ALA B 297 -10.92 -26.31 5.55
N PRO B 298 -10.97 -25.49 4.50
CA PRO B 298 -9.81 -25.28 3.63
C PRO B 298 -8.81 -24.31 4.25
N ILE B 299 -8.34 -24.63 5.45
CA ILE B 299 -7.46 -23.75 6.19
C ILE B 299 -6.00 -24.10 5.96
N ILE B 300 -5.18 -23.08 5.69
CA ILE B 300 -3.75 -23.26 5.53
C ILE B 300 -3.01 -22.45 6.59
N MET B 301 -2.26 -23.13 7.46
CA MET B 301 -1.43 -22.43 8.43
C MET B 301 -0.16 -21.90 7.79
N SER B 302 0.36 -20.82 8.35
CA SER B 302 1.62 -20.25 7.91
C SER B 302 2.18 -19.31 8.98
N PHE B 303 3.34 -18.74 8.68
CA PHE B 303 3.91 -17.69 9.52
C PHE B 303 3.39 -16.35 9.05
N PRO B 304 3.42 -15.33 9.92
CA PRO B 304 2.88 -14.03 9.54
C PRO B 304 3.52 -13.46 8.28
N HIS B 305 2.70 -12.98 7.36
CA HIS B 305 3.15 -12.45 6.08
C HIS B 305 4.00 -13.43 5.27
N PHE B 306 3.74 -14.72 5.46
CA PHE B 306 4.47 -15.79 4.77
C PHE B 306 5.98 -15.67 4.94
N TYR B 307 6.39 -15.36 6.16
CA TYR B 307 7.80 -15.34 6.51
C TYR B 307 8.35 -16.76 6.43
N GLN B 308 9.59 -16.90 5.97
CA GLN B 308 10.23 -18.20 5.76
C GLN B 308 9.47 -19.08 4.77
N ALA B 309 8.79 -18.46 3.81
CA ALA B 309 7.99 -19.19 2.84
C ALA B 309 8.45 -18.85 1.44
N ASP B 310 8.03 -19.65 0.47
CA ASP B 310 8.36 -19.36 -0.92
C ASP B 310 7.73 -18.03 -1.33
N GLU B 311 8.45 -17.30 -2.18
CA GLU B 311 8.13 -15.90 -2.48
C GLU B 311 6.84 -15.70 -3.26
N ARG B 312 6.43 -16.69 -4.05
CA ARG B 312 5.22 -16.57 -4.84
C ARG B 312 3.98 -16.47 -3.96
N PHE B 313 4.09 -16.98 -2.74
CA PHE B 313 3.03 -16.82 -1.74
C PHE B 313 2.92 -15.35 -1.34
N VAL B 314 4.08 -14.72 -1.20
CA VAL B 314 4.15 -13.29 -0.86
C VAL B 314 3.69 -12.44 -2.05
N SER B 315 4.13 -12.83 -3.25
CA SER B 315 3.80 -12.09 -4.47
C SER B 315 2.30 -12.11 -4.79
N ALA B 316 1.63 -13.18 -4.40
CA ALA B 316 0.22 -13.37 -4.72
C ALA B 316 -0.68 -12.32 -4.05
N ILE B 317 -0.27 -11.88 -2.87
CA ILE B 317 -1.09 -10.97 -2.07
C ILE B 317 -0.41 -9.64 -1.81
N GLU B 318 -0.99 -8.56 -2.32
CA GLU B 318 -0.50 -7.23 -2.03
C GLU B 318 -0.73 -6.88 -0.57
N GLY B 319 0.31 -6.42 0.11
CA GLY B 319 0.23 -6.12 1.52
C GLY B 319 0.99 -7.13 2.37
N MET B 320 1.63 -8.09 1.72
CA MET B 320 2.50 -9.01 2.44
C MET B 320 3.91 -8.47 2.44
N HIS B 321 4.37 -8.04 3.61
CA HIS B 321 5.72 -7.52 3.76
C HIS B 321 6.39 -8.19 4.95
N PRO B 322 6.93 -9.39 4.73
CA PRO B 322 7.53 -10.14 5.83
C PRO B 322 8.89 -9.60 6.24
N ASN B 323 9.18 -9.67 7.53
CA ASN B 323 10.50 -9.34 8.02
C ASN B 323 10.78 -10.19 9.26
N GLN B 324 12.06 -10.44 9.49
CA GLN B 324 12.50 -11.39 10.50
C GLN B 324 12.09 -11.01 11.91
N GLU B 325 12.40 -9.78 12.32
CA GLU B 325 12.23 -9.39 13.71
C GLU B 325 10.76 -9.32 14.12
N ASP B 326 9.89 -8.92 13.20
CA ASP B 326 8.46 -8.84 13.49
C ASP B 326 7.72 -10.18 13.38
N HIS B 327 8.03 -10.97 12.36
CA HIS B 327 7.24 -12.16 12.07
C HIS B 327 7.80 -13.50 12.52
N GLU B 328 9.01 -13.51 13.07
CA GLU B 328 9.61 -14.78 13.51
C GLU B 328 8.99 -15.28 14.80
N THR B 329 9.17 -16.57 15.07
CA THR B 329 8.76 -17.14 16.34
C THR B 329 9.99 -17.45 17.16
N PHE B 330 10.12 -16.80 18.31
CA PHE B 330 11.27 -17.00 19.18
C PHE B 330 10.84 -17.21 20.61
N VAL B 331 11.69 -17.89 21.38
CA VAL B 331 11.48 -18.05 22.80
C VAL B 331 12.82 -17.96 23.52
N ASP B 332 12.91 -17.10 24.52
CA ASP B 332 14.15 -16.92 25.27
C ASP B 332 14.11 -17.73 26.56
N ILE B 333 14.94 -18.75 26.62
CA ILE B 333 14.91 -19.69 27.74
C ILE B 333 16.13 -19.57 28.64
N ASN B 334 15.88 -19.45 29.94
CA ASN B 334 16.94 -19.56 30.94
C ASN B 334 17.53 -20.96 30.89
N PRO B 335 18.81 -21.07 30.52
CA PRO B 335 19.47 -22.35 30.24
C PRO B 335 19.48 -23.28 31.44
N LEU B 336 19.60 -22.71 32.63
CA LEU B 336 19.69 -23.47 33.85
C LEU B 336 18.37 -24.17 34.18
N THR B 337 17.30 -23.37 34.20
CA THR B 337 16.00 -23.84 34.68
C THR B 337 15.03 -24.25 33.59
N GLY B 338 15.42 -24.07 32.32
CA GLY B 338 14.52 -24.35 31.21
C GLY B 338 13.25 -23.52 31.30
N ILE B 339 13.37 -22.33 31.89
CA ILE B 339 12.23 -21.44 32.07
C ILE B 339 12.21 -20.36 31.00
N ILE B 340 11.03 -20.10 30.47
CA ILE B 340 10.85 -19.06 29.48
C ILE B 340 10.78 -17.70 30.14
N LEU B 341 11.55 -16.76 29.60
CA LEU B 341 11.63 -15.41 30.12
C LEU B 341 10.86 -14.49 29.19
N LYS B 342 11.26 -14.46 27.92
CA LYS B 342 10.56 -13.71 26.91
C LYS B 342 10.30 -14.59 25.68
N ALA B 343 9.12 -14.44 25.08
CA ALA B 343 8.76 -15.25 23.91
C ALA B 343 7.79 -14.51 22.99
N ALA B 344 7.89 -14.80 21.71
CA ALA B 344 6.85 -14.42 20.76
C ALA B 344 6.47 -15.62 19.91
N LYS B 345 5.25 -16.11 20.11
CA LYS B 345 4.77 -17.22 19.30
C LYS B 345 3.81 -16.69 18.25
N ARG B 346 4.26 -16.74 16.99
CA ARG B 346 3.58 -16.06 15.90
C ARG B 346 3.29 -16.99 14.75
N PHE B 347 2.04 -17.00 14.30
CA PHE B 347 1.66 -17.80 13.13
C PHE B 347 0.43 -17.20 12.47
N GLN B 348 0.24 -17.53 11.20
CA GLN B 348 -0.81 -16.91 10.39
C GLN B 348 -1.84 -17.95 9.99
N ILE B 349 -3.09 -17.49 9.83
CA ILE B 349 -4.15 -18.36 9.35
C ILE B 349 -4.56 -17.93 7.95
N ASN B 350 -4.47 -18.87 7.01
CA ASN B 350 -4.80 -18.60 5.63
C ASN B 350 -5.87 -19.55 5.12
N ILE B 351 -6.47 -19.20 4.00
CA ILE B 351 -7.51 -20.02 3.40
C ILE B 351 -7.14 -20.39 1.98
N TYR B 352 -7.23 -21.67 1.65
CA TYR B 352 -7.01 -22.07 0.28
C TYR B 352 -8.27 -21.69 -0.49
N VAL B 353 -8.08 -21.00 -1.61
CA VAL B 353 -9.22 -20.53 -2.39
C VAL B 353 -8.91 -20.71 -3.87
N LYS B 354 -9.92 -21.14 -4.61
CA LYS B 354 -9.75 -21.40 -6.02
C LYS B 354 -11.04 -21.16 -6.78
N LYS B 355 -10.92 -20.93 -8.07
CA LYS B 355 -12.08 -20.76 -8.94
C LYS B 355 -12.80 -22.08 -9.09
N LEU B 356 -14.12 -22.04 -9.02
CA LEU B 356 -14.93 -23.23 -9.20
C LEU B 356 -16.03 -22.89 -10.17
N ASP B 357 -16.14 -23.64 -11.26
CA ASP B 357 -17.11 -23.29 -12.30
C ASP B 357 -18.50 -23.69 -11.86
N ASP B 358 -18.55 -24.70 -11.00
CA ASP B 358 -19.84 -25.16 -10.49
C ASP B 358 -20.35 -24.21 -9.41
N PHE B 359 -19.44 -23.37 -8.89
CA PHE B 359 -19.84 -22.33 -7.93
C PHE B 359 -19.49 -20.93 -8.41
N VAL B 360 -20.53 -20.18 -8.78
CA VAL B 360 -20.37 -18.81 -9.27
C VAL B 360 -19.83 -17.85 -8.22
N GLU B 361 -20.02 -18.19 -6.94
CA GLU B 361 -19.49 -17.38 -5.85
C GLU B 361 -18.00 -17.12 -6.01
N THR B 362 -17.29 -18.12 -6.54
CA THR B 362 -15.85 -18.04 -6.69
C THR B 362 -15.46 -17.11 -7.84
N GLY B 363 -16.40 -16.90 -8.77
CA GLY B 363 -16.14 -16.10 -9.94
C GLY B 363 -14.89 -16.54 -10.66
N ASP B 364 -14.07 -15.57 -11.08
CA ASP B 364 -12.80 -15.83 -11.72
C ASP B 364 -11.59 -15.77 -10.78
N ILE B 365 -11.84 -15.76 -9.48
CA ILE B 365 -10.79 -15.56 -8.47
C ILE B 365 -9.57 -16.44 -8.72
N ARG B 366 -8.40 -15.87 -8.48
CA ARG B 366 -7.14 -16.58 -8.67
C ARG B 366 -7.02 -17.73 -7.67
N THR B 367 -6.19 -18.70 -8.02
CA THR B 367 -5.90 -19.80 -7.11
C THR B 367 -4.70 -19.42 -6.26
N MET B 368 -4.93 -19.24 -4.96
CA MET B 368 -3.89 -18.77 -4.07
C MET B 368 -4.17 -19.12 -2.61
N VAL B 369 -3.14 -19.03 -1.78
CA VAL B 369 -3.31 -19.23 -0.34
C VAL B 369 -3.59 -17.87 0.29
N PHE B 370 -4.81 -17.69 0.76
CA PHE B 370 -5.32 -16.36 1.13
C PHE B 370 -5.23 -16.04 2.62
N PRO B 371 -4.47 -14.99 2.96
CA PRO B 371 -4.29 -14.54 4.35
C PRO B 371 -5.53 -13.91 4.97
N VAL B 372 -5.83 -14.29 6.20
CA VAL B 372 -6.97 -13.76 6.93
C VAL B 372 -6.49 -13.01 8.17
N MET B 373 -5.80 -13.73 9.05
CA MET B 373 -5.35 -13.18 10.31
C MET B 373 -4.06 -13.87 10.80
N TYR B 374 -3.23 -13.14 11.54
CA TYR B 374 -2.18 -13.78 12.31
C TYR B 374 -2.22 -13.28 13.76
N LEU B 375 -1.35 -13.83 14.59
CA LEU B 375 -1.35 -13.46 16.01
C LEU B 375 0.05 -13.52 16.62
N ASN B 376 0.24 -12.82 17.73
CA ASN B 376 1.45 -12.95 18.52
C ASN B 376 1.09 -13.34 19.95
N GLU B 377 1.46 -14.55 20.34
CA GLU B 377 1.29 -15.00 21.72
C GLU B 377 2.61 -14.80 22.46
N SER B 378 2.61 -13.87 23.40
CA SER B 378 3.86 -13.45 24.02
C SER B 378 3.84 -13.55 25.53
N VAL B 379 5.02 -13.59 26.12
CA VAL B 379 5.17 -13.51 27.56
C VAL B 379 6.47 -12.79 27.88
N HIS B 380 6.46 -11.98 28.93
CA HIS B 380 7.65 -11.28 29.36
C HIS B 380 7.71 -11.29 30.88
N ILE B 381 8.85 -11.70 31.42
CA ILE B 381 8.98 -11.79 32.87
C ILE B 381 9.15 -10.39 33.45
N ASP B 382 8.48 -10.13 34.57
CA ASP B 382 8.61 -8.85 35.25
C ASP B 382 9.87 -8.90 36.09
N LYS B 383 10.21 -7.80 36.75
CA LYS B 383 11.49 -7.76 37.46
C LYS B 383 11.47 -8.42 38.81
N GLU B 384 10.34 -8.42 39.50
CA GLU B 384 10.33 -8.97 40.86
C GLU B 384 10.21 -10.50 40.85
N THR B 385 9.55 -11.06 39.84
CA THR B 385 9.58 -12.51 39.67
C THR B 385 10.95 -12.92 39.12
N ALA B 386 11.52 -12.08 38.28
CA ALA B 386 12.85 -12.35 37.72
C ALA B 386 13.94 -12.25 38.78
N SER B 387 14.00 -11.13 39.49
CA SER B 387 15.03 -10.92 40.50
C SER B 387 14.91 -11.88 41.67
N ARG B 388 13.68 -12.27 42.01
CA ARG B 388 13.47 -13.28 43.06
C ARG B 388 13.93 -14.64 42.55
N LEU B 389 13.73 -14.89 41.25
CA LEU B 389 14.22 -16.10 40.62
C LEU B 389 15.73 -16.14 40.74
N LYS B 390 16.36 -14.98 40.54
CA LYS B 390 17.81 -14.90 40.44
C LYS B 390 18.40 -14.88 41.84
N SER B 391 17.58 -14.59 42.84
CA SER B 391 18.04 -14.83 44.20
C SER B 391 17.84 -16.29 44.57
N MET B 392 16.76 -16.89 44.09
CA MET B 392 16.54 -18.31 44.34
C MET B 392 17.45 -19.15 43.46
N ILE B 393 17.83 -18.60 42.30
CA ILE B 393 18.88 -19.21 41.47
C ILE B 393 20.13 -19.43 42.34
N ASN B 394 20.40 -18.49 43.25
CA ASN B 394 21.55 -18.57 44.16
C ASN B 394 21.10 -18.49 45.63
C1 NAG C . -3.14 -1.24 -13.77
C2 NAG C . -2.09 -2.22 -14.28
C3 NAG C . -2.68 -3.04 -15.42
C4 NAG C . -4.03 -3.65 -15.03
C5 NAG C . -4.94 -2.61 -14.37
C6 NAG C . -6.18 -3.22 -13.76
C7 NAG C . 0.33 -1.85 -14.31
C8 NAG C . 1.45 -1.01 -14.87
N2 NAG C . -0.90 -1.52 -14.71
O3 NAG C . -1.77 -4.08 -15.76
O4 NAG C . -4.69 -4.09 -16.21
O5 NAG C . -4.25 -1.95 -13.30
O6 NAG C . -5.89 -3.89 -12.54
O7 NAG C . 0.53 -2.77 -13.53
C1 NAG C . -4.61 -5.52 -16.30
C2 NAG C . -5.77 -5.99 -17.16
C3 NAG C . -5.76 -7.50 -17.26
C4 NAG C . -4.40 -8.01 -17.70
C5 NAG C . -3.27 -7.39 -16.87
C6 NAG C . -1.90 -7.70 -17.42
C7 NAG C . -7.82 -4.65 -17.25
C8 NAG C . -9.09 -4.28 -16.54
N2 NAG C . -7.03 -5.52 -16.62
O3 NAG C . -6.75 -7.91 -18.21
O4 NAG C . -4.35 -9.43 -17.52
O5 NAG C . -3.40 -5.96 -16.86
O6 NAG C . -0.88 -7.02 -16.69
O7 NAG C . -7.53 -4.18 -18.35
C1 BMA C . -4.14 -10.06 -18.78
C2 BMA C . -3.76 -11.50 -18.55
C3 BMA C . -3.41 -12.15 -19.89
C4 BMA C . -4.49 -11.88 -20.95
C5 BMA C . -4.92 -10.39 -20.98
C6 BMA C . -6.13 -10.16 -21.84
O2 BMA C . -4.84 -12.23 -17.99
O3 BMA C . -3.23 -13.53 -19.76
O4 BMA C . -3.99 -12.23 -22.23
O5 BMA C . -5.24 -9.97 -19.64
O6 BMA C . -7.14 -11.09 -21.43
C1 MAN C . -1.85 -13.85 -19.61
C2 MAN C . -1.75 -15.35 -19.76
C3 MAN C . -1.94 -15.97 -18.40
C4 MAN C . -0.75 -15.64 -17.51
C5 MAN C . -0.42 -14.11 -17.54
C6 MAN C . 1.01 -13.79 -17.98
O2 MAN C . -0.45 -15.76 -20.21
O3 MAN C . -2.11 -17.38 -18.47
O4 MAN C . -1.04 -16.02 -16.17
O5 MAN C . -1.35 -13.34 -18.38
O6 MAN C . 1.13 -12.38 -18.06
C1 MAN C . -8.12 -11.18 -22.48
C2 MAN C . -9.38 -11.83 -21.87
C3 MAN C . -9.14 -13.33 -21.62
C4 MAN C . -8.63 -14.01 -22.89
C5 MAN C . -7.34 -13.32 -23.34
C6 MAN C . -6.79 -13.91 -24.64
O2 MAN C . -10.49 -11.79 -22.79
O3 MAN C . -10.31 -13.98 -21.14
O4 MAN C . -8.38 -15.38 -22.64
O5 MAN C . -7.61 -11.92 -23.58
O6 MAN C . -5.51 -13.33 -24.88
C1 NAG D . 6.58 13.26 -31.63
C2 NAG D . 6.64 11.74 -31.55
C3 NAG D . 8.05 11.23 -31.87
C4 NAG D . 8.57 11.83 -33.17
C5 NAG D . 8.41 13.35 -33.15
C6 NAG D . 8.79 14.01 -34.45
C7 NAG D . 5.01 10.85 -29.93
C8 NAG D . 4.78 10.42 -28.52
N2 NAG D . 6.24 11.29 -30.22
O3 NAG D . 8.01 9.81 -31.96
O4 NAG D . 9.94 11.52 -33.29
O5 NAG D . 7.04 13.68 -32.91
O6 NAG D . 7.91 15.07 -34.77
O7 NAG D . 4.11 10.81 -30.78
C1 NAG D . 10.15 10.70 -34.46
C2 NAG D . 11.63 10.38 -34.57
C3 NAG D . 11.92 9.58 -35.84
C4 NAG D . 10.99 8.36 -35.92
C5 NAG D . 9.53 8.75 -35.68
C6 NAG D . 8.62 7.55 -35.54
C7 NAG D . 13.55 11.74 -33.86
C8 NAG D . 14.23 13.07 -33.98
N2 NAG D . 12.43 11.61 -34.57
O3 NAG D . 13.27 9.15 -35.84
O4 NAG D . 11.10 7.77 -37.21
O5 NAG D . 9.41 9.49 -34.45
O6 NAG D . 8.66 7.01 -34.23
O7 NAG D . 14.01 10.83 -33.18
C1 NAG E . 2.44 39.75 -11.00
C2 NAG E . 1.86 38.92 -9.87
C3 NAG E . 1.26 39.82 -8.80
C4 NAG E . 2.31 40.74 -8.20
C5 NAG E . 3.08 41.45 -9.30
C6 NAG E . 4.57 41.14 -9.32
C7 NAG E . 1.03 36.68 -10.44
C8 NAG E . -0.13 35.89 -10.99
N2 NAG E . 0.85 38.00 -10.38
O3 NAG E . 0.72 38.99 -7.78
O4 NAG E . 1.64 41.70 -7.40
O5 NAG E . 2.55 41.16 -10.60
O6 NAG E . 5.29 42.07 -8.52
O7 NAG E . 2.07 36.14 -10.09
C1 NAG E . 2.49 42.30 -6.40
C2 NAG E . 2.26 43.79 -6.50
C3 NAG E . 3.08 44.51 -5.44
C4 NAG E . 2.62 44.03 -4.07
C5 NAG E . 2.82 42.51 -3.98
C6 NAG E . 2.29 41.92 -2.70
C7 NAG E . 1.89 45.30 -8.40
C8 NAG E . 2.34 45.73 -9.76
N2 NAG E . 2.58 44.30 -7.83
O3 NAG E . 2.92 45.91 -5.64
O4 NAG E . 3.29 44.69 -3.00
O5 NAG E . 2.14 41.85 -5.07
O6 NAG E . 1.30 40.93 -2.98
O7 NAG E . 0.95 45.85 -7.82
C1 BMA E . 2.66 45.98 -2.81
C2 BMA E . 1.81 46.14 -1.60
C3 BMA E . 0.80 47.23 -1.98
C4 BMA E . 1.44 48.50 -2.69
C5 BMA E . 2.80 48.23 -3.46
C6 BMA E . 3.72 49.44 -3.40
O2 BMA E . 2.56 46.65 -0.52
O3 BMA E . 0.04 47.65 -0.84
O4 BMA E . 0.51 49.04 -3.61
O5 BMA E . 3.50 47.09 -2.93
O6 BMA E . 4.97 49.08 -3.99
C1 NAG F . -10.12 29.60 2.52
C2 NAG F . -11.06 28.58 3.17
C3 NAG F . -12.38 29.24 3.56
C4 NAG F . -12.11 30.42 4.46
C5 NAG F . -11.18 31.41 3.76
C6 NAG F . -10.80 32.59 4.61
C7 NAG F . -11.11 26.18 2.71
C8 NAG F . -11.39 25.11 1.70
N2 NAG F . -11.29 27.44 2.31
O3 NAG F . -13.22 28.29 4.20
O4 NAG F . -13.33 31.04 4.85
O5 NAG F . -9.96 30.74 3.40
O6 NAG F . -9.72 33.32 4.05
O7 NAG F . -10.73 25.90 3.84
C1 NAG F . -13.36 30.98 6.30
C2 NAG F . -14.18 32.09 6.93
C3 NAG F . -13.97 32.09 8.43
C4 NAG F . -14.25 30.70 9.01
C5 NAG F . -13.50 29.63 8.24
C6 NAG F . -13.91 28.22 8.65
C7 NAG F . -14.28 33.80 5.16
C8 NAG F . -13.83 35.16 4.72
N2 NAG F . -13.84 33.38 6.35
O3 NAG F . -14.83 33.06 9.03
O4 NAG F . -13.84 30.67 10.37
O5 NAG F . -13.77 29.73 6.84
O6 NAG F . -12.90 27.60 9.42
O7 NAG F . -15.00 33.09 4.45
C1 NAG G . -13.87 25.21 -11.11
C2 NAG G . -15.10 25.05 -10.22
C3 NAG G . -16.37 25.00 -11.06
C4 NAG G . -16.44 26.19 -12.01
C5 NAG G . -15.16 26.22 -12.85
C6 NAG G . -15.09 27.39 -13.80
C7 NAG G . -14.93 23.87 -8.07
C8 NAG G . -14.82 22.54 -7.39
N2 NAG G . -15.00 23.85 -9.40
O3 NAG G . -17.51 25.01 -10.20
O4 NAG G . -17.59 26.08 -12.84
O5 NAG G . -14.04 26.33 -11.97
O6 NAG G . -14.18 28.38 -13.34
O7 NAG G . -14.95 24.93 -7.43
C1 NAG G . -18.35 27.30 -12.75
C2 NAG G . -19.14 27.57 -14.03
C3 NAG G . -20.39 28.38 -13.71
C4 NAG G . -21.32 27.58 -12.82
C5 NAG G . -20.56 26.91 -11.68
C6 NAG G . -20.44 25.40 -11.83
C7 NAG G . -17.73 27.62 -16.03
C8 NAG G . -16.92 28.48 -16.97
N2 NAG G . -18.33 28.26 -15.02
O3 NAG G . -21.06 28.72 -14.92
O4 NAG G . -22.32 28.45 -12.27
O5 NAG G . -19.22 27.44 -11.57
O6 NAG G . -21.25 24.72 -10.88
O7 NAG G . -17.81 26.40 -16.18
C1 BMA G . -23.59 28.08 -12.84
C2 BMA G . -24.71 28.86 -12.17
C3 BMA G . -26.02 28.26 -12.64
C4 BMA G . -26.12 28.25 -14.18
C5 BMA G . -24.84 27.65 -14.83
C6 BMA G . -24.78 27.90 -16.33
O2 BMA G . -24.71 30.21 -12.62
O3 BMA G . -27.14 28.95 -12.08
O4 BMA G . -27.24 27.48 -14.58
O5 BMA G . -23.66 28.25 -14.23
O6 BMA G . -24.91 29.30 -16.57
C1 MAN G . -24.98 29.49 -18.00
C2 MAN G . -24.47 30.92 -18.37
C3 MAN G . -25.59 31.96 -18.25
C4 MAN G . -26.90 31.46 -18.88
C5 MAN G . -27.28 30.14 -18.22
C6 MAN G . -28.59 29.57 -18.73
O2 MAN G . -24.03 30.97 -19.73
O3 MAN G . -25.21 33.21 -18.83
O4 MAN G . -27.93 32.41 -18.66
O5 MAN G . -26.26 29.18 -18.51
O6 MAN G . -28.30 28.70 -19.82
C1 NAG H . 12.36 13.65 -11.69
C2 NAG H . 13.72 13.22 -11.15
C3 NAG H . 13.68 11.74 -10.80
C4 NAG H . 12.54 11.45 -9.83
C5 NAG H . 11.22 12.04 -10.31
C6 NAG H . 10.16 12.04 -9.23
C7 NAG H . 15.22 12.85 -13.10
C8 NAG H . 16.39 13.42 -13.84
N2 NAG H . 14.82 13.56 -12.03
O3 NAG H . 14.93 11.35 -10.22
O4 NAG H . 12.39 10.05 -9.65
O5 NAG H . 11.37 13.41 -10.72
O6 NAG H . 10.60 12.78 -8.11
O7 NAG H . 14.65 11.83 -13.47
C1 NAG H . 12.73 9.79 -8.28
C2 NAG H . 12.27 8.42 -7.82
C3 NAG H . 12.68 8.18 -6.37
C4 NAG H . 14.16 8.48 -6.16
C5 NAG H . 14.53 9.84 -6.74
C6 NAG H . 16.01 10.11 -6.71
C7 NAG H . 10.25 7.63 -8.98
C8 NAG H . 8.75 7.57 -8.94
N2 NAG H . 10.83 8.27 -7.95
O3 NAG H . 12.41 6.83 -6.02
O4 NAG H . 14.42 8.51 -4.77
O5 NAG H . 14.12 9.90 -8.12
O6 NAG H . 16.73 9.10 -7.42
O7 NAG H . 10.90 7.13 -9.89
C1 BMA H . 15.15 7.34 -4.42
C2 BMA H . 16.11 7.78 -3.35
C3 BMA H . 16.88 6.59 -2.80
C4 BMA H . 16.00 5.36 -2.55
C5 BMA H . 15.00 5.10 -3.71
C6 BMA H . 13.95 4.07 -3.34
O2 BMA H . 15.37 8.32 -2.25
O3 BMA H . 17.45 6.96 -1.58
O4 BMA H . 16.83 4.22 -2.40
O5 BMA H . 14.32 6.31 -4.00
O6 BMA H . 14.57 3.04 -2.57
C1 MAN H . 18.78 7.46 -1.71
C2 MAN H . 19.45 6.95 -0.50
C3 MAN H . 18.59 7.39 0.67
C4 MAN H . 18.47 8.93 0.72
C5 MAN H . 18.06 9.50 -0.67
C6 MAN H . 18.32 11.00 -0.78
O2 MAN H . 20.72 7.58 -0.30
O3 MAN H . 19.06 6.87 1.91
O4 MAN H . 17.49 9.29 1.68
O5 MAN H . 18.79 8.85 -1.74
O6 MAN H . 17.88 11.63 0.43
C1 NAG I . -12.13 -2.86 6.74
C2 NAG I . -12.22 -1.60 7.59
C3 NAG I . -13.67 -1.18 7.76
C4 NAG I . -14.43 -1.19 6.43
C5 NAG I . -14.12 -2.42 5.60
C6 NAG I . -14.64 -2.31 4.18
C7 NAG I . -11.02 -0.85 9.59
C8 NAG I . -10.42 -1.27 10.91
N2 NAG I . -11.59 -1.82 8.88
O3 NAG I . -13.71 0.13 8.32
O4 NAG I . -15.83 -1.23 6.72
O5 NAG I . -12.70 -2.61 5.50
O6 NAG I . -13.78 -1.51 3.38
O7 NAG I . -10.97 0.30 9.20
C1 NAG I . -16.46 0.00 6.43
C2 NAG I . -17.92 -0.31 6.16
C3 NAG I . -18.72 0.97 5.93
C4 NAG I . -18.44 2.01 7.01
C5 NAG I . -16.94 2.17 7.24
C6 NAG I . -16.61 3.06 8.42
C7 NAG I . -18.73 -2.34 5.05
C8 NAG I . -18.74 -3.13 3.77
N2 NAG I . -18.04 -1.19 5.01
O3 NAG I . -20.11 0.66 5.92
O4 NAG I . -18.95 3.26 6.57
O5 NAG I . -16.36 0.90 7.52
O6 NAG I . -15.21 3.23 8.55
O7 NAG I . -19.30 -2.74 6.06
C1 BMA I . -19.97 3.73 7.48
C2 BMA I . -20.10 5.22 7.27
C3 BMA I . -21.11 5.78 8.24
C4 BMA I . -22.42 4.95 8.34
C5 BMA I . -22.16 3.42 8.30
C6 BMA I . -23.42 2.63 7.99
O2 BMA I . -20.58 5.49 5.96
O3 BMA I . -21.45 7.11 7.87
O4 BMA I . -23.07 5.26 9.56
O5 BMA I . -21.21 3.10 7.28
O6 BMA I . -23.69 2.77 6.60
C1 MAN I . -21.37 8.00 9.01
C2 MAN I . -21.77 9.39 8.56
C3 MAN I . -20.71 9.90 7.61
C4 MAN I . -19.32 9.91 8.29
C5 MAN I . -18.99 8.54 8.95
C6 MAN I . -17.87 8.64 9.96
O2 MAN I . -21.77 10.30 9.67
O3 MAN I . -21.02 11.21 7.14
O4 MAN I . -18.33 10.21 7.32
O5 MAN I . -20.14 7.99 9.65
O6 MAN I . -18.41 8.30 11.23
C1 NAG J . -13.64 -15.17 28.01
C2 NAG J . -14.24 -13.77 27.86
C3 NAG J . -13.83 -12.89 29.04
C4 NAG J . -14.14 -13.59 30.36
C5 NAG J . -13.57 -14.99 30.39
C6 NAG J . -13.97 -15.78 31.61
C7 NAG J . -14.34 -13.49 25.42
C8 NAG J . -13.79 -12.74 24.24
N2 NAG J . -13.82 -13.16 26.61
O3 NAG J . -14.50 -11.65 28.96
O4 NAG J . -13.59 -12.85 31.45
O5 NAG J . -14.04 -15.73 29.25
O6 NAG J . -14.83 -16.85 31.27
O7 NAG J . -15.20 -14.35 25.29
C1 NAG J . -14.63 -12.15 32.15
C2 NAG J . -13.97 -11.10 33.05
C3 NAG J . -15.03 -10.22 33.73
C4 NAG J . -16.02 -9.68 32.70
C5 NAG J . -16.59 -10.83 31.90
C6 NAG J . -17.55 -10.39 30.81
C7 NAG J . -12.08 -11.16 34.63
C8 NAG J . -11.35 -11.98 35.64
N2 NAG J . -13.14 -11.75 34.05
O3 NAG J . -14.38 -9.13 34.38
O4 NAG J . -17.09 -9.00 33.36
O5 NAG J . -15.52 -11.51 31.24
O6 NAG J . -17.65 -8.97 30.75
O7 NAG J . -11.74 -10.02 34.34
C1 NAG K . -5.54 -30.36 2.11
C2 NAG K . -5.72 -30.49 0.59
C3 NAG K . -7.06 -31.14 0.25
C4 NAG K . -7.26 -32.43 1.03
C5 NAG K . -7.04 -32.16 2.52
C6 NAG K . -7.13 -33.41 3.38
C7 NAG K . -4.53 -28.79 -0.74
C8 NAG K . -4.61 -27.43 -1.33
N2 NAG K . -5.61 -29.20 -0.06
O3 NAG K . -7.10 -31.41 -1.14
O4 NAG K . -8.58 -32.92 0.82
O5 NAG K . -5.73 -31.63 2.71
O6 NAG K . -6.96 -33.09 4.76
O7 NAG K . -3.55 -29.51 -0.87
C1 NAG K . -8.50 -34.26 0.28
C2 NAG K . -9.81 -35.03 0.49
C3 NAG K . -9.97 -36.07 -0.61
C4 NAG K . -10.13 -35.39 -1.96
C5 NAG K . -9.11 -34.26 -2.13
C6 NAG K . -9.70 -32.87 -2.07
C7 NAG K . -10.23 -35.01 2.90
C8 NAG K . -10.21 -35.80 4.17
N2 NAG K . -9.84 -35.65 1.80
O3 NAG K . -11.12 -36.86 -0.34
O4 NAG K . -9.97 -36.33 -3.02
O5 NAG K . -8.08 -34.35 -1.13
O6 NAG K . -10.74 -32.70 -3.03
O7 NAG K . -10.59 -33.84 2.87
C1 NAG L . 4.12 -9.44 18.86
C2 NAG L . 5.12 -8.42 19.38
C3 NAG L . 4.73 -7.04 18.89
C4 NAG L . 4.71 -7.03 17.37
C5 NAG L . 3.84 -8.16 16.82
C6 NAG L . 4.03 -8.36 15.33
C7 NAG L . 4.33 -8.10 21.71
C8 NAG L . 4.70 -8.22 23.16
N2 NAG L . 5.27 -8.46 20.83
O3 NAG L . 5.66 -6.07 19.39
O4 NAG L . 4.24 -5.78 16.89
O5 NAG L . 4.15 -9.43 17.43
O6 NAG L . 5.34 -8.84 15.05
O7 NAG L . 3.23 -7.69 21.35
C1 NAG L . 5.38 -5.11 16.33
C2 NAG L . 4.97 -3.98 15.39
C3 NAG L . 6.21 -3.35 14.76
C4 NAG L . 7.22 -2.95 15.84
C5 NAG L . 7.49 -4.11 16.79
C6 NAG L . 8.35 -3.73 17.98
C7 NAG L . 2.74 -4.45 14.51
C8 NAG L . 1.95 -4.97 13.34
N2 NAG L . 4.07 -4.45 14.36
O3 NAG L . 5.84 -2.21 14.00
O4 NAG L . 8.45 -2.60 15.21
O5 NAG L . 6.24 -4.61 17.33
O6 NAG L . 8.47 -2.33 18.12
O7 NAG L . 2.19 -4.06 15.54
C1 BMA L . 8.63 -1.18 15.19
C2 BMA L . 10.08 -0.92 14.83
C3 BMA L . 10.33 0.58 14.85
C4 BMA L . 9.32 1.30 13.95
C5 BMA L . 7.88 0.93 14.33
C6 BMA L . 6.85 1.51 13.37
O2 BMA L . 10.34 -1.36 13.50
O3 BMA L . 11.63 0.88 14.40
O4 BMA L . 9.50 2.70 14.09
O5 BMA L . 7.76 -0.51 14.32
O6 BMA L . 7.55 2.04 12.25
C1 MAN L . 12.50 1.06 15.54
C2 MAN L . 13.59 2.02 15.09
C3 MAN L . 14.40 1.35 13.97
C4 MAN L . 14.91 -0.04 14.42
C5 MAN L . 13.73 -0.89 14.94
C6 MAN L . 14.17 -2.20 15.55
O2 MAN L . 14.52 2.27 16.14
O3 MAN L . 15.49 2.16 13.54
O4 MAN L . 15.50 -0.71 13.32
O5 MAN L . 13.02 -0.16 15.97
O6 MAN L . 15.06 -2.84 14.63
C1 NAG M . 12.40 46.55 -19.00
C2 NAG M . 11.04 47.26 -19.16
C3 NAG M . 11.11 48.68 -18.64
C4 NAG M . 11.90 48.73 -17.34
C5 NAG M . 13.35 48.36 -17.62
C6 NAG M . 14.02 47.61 -16.48
C7 NAG M . 9.37 46.78 -20.90
C8 NAG M . 9.05 46.84 -22.36
N2 NAG M . 10.58 47.23 -20.54
O3 NAG M . 9.80 49.19 -18.44
O4 NAG M . 11.84 50.04 -16.78
O5 NAG M . 13.46 47.54 -18.80
O6 NAG M . 13.05 47.12 -15.55
O7 NAG M . 8.59 46.33 -20.07
C1 NAG N . 12.24 -40.02 30.04
C2 NAG N . 11.69 -41.30 29.41
C3 NAG N . 12.74 -42.40 29.39
C4 NAG N . 14.12 -41.81 29.12
C5 NAG N . 14.53 -40.91 30.28
C6 NAG N . 15.43 -39.76 29.88
C7 NAG N . 9.46 -42.32 29.46
C8 NAG N . 8.30 -42.73 30.33
N2 NAG N . 10.49 -41.75 30.10
O3 NAG N . 12.43 -43.35 28.38
O4 NAG N . 15.09 -42.84 28.96
O5 NAG N . 13.37 -40.35 30.93
O6 NAG N . 15.99 -39.96 28.60
O7 NAG N . 9.46 -42.48 28.24
C1 NAG O . 9.74 -36.86 16.47
C2 NAG O . 9.94 -36.13 15.14
C3 NAG O . 10.82 -36.96 14.21
C4 NAG O . 12.21 -37.11 14.82
C5 NAG O . 12.11 -37.65 16.24
C6 NAG O . 12.65 -36.71 17.29
C7 NAG O . 8.14 -34.61 14.49
C8 NAG O . 6.81 -34.48 13.79
N2 NAG O . 8.67 -35.83 14.51
O3 NAG O . 10.92 -36.30 12.95
O4 NAG O . 12.99 -38.00 14.03
O5 NAG O . 10.74 -37.95 16.59
O6 NAG O . 14.07 -36.80 17.39
O7 NAG O . 8.70 -33.65 15.00
#